data_7KQK
#
_entry.id   7KQK
#
_cell.length_a   52.370
_cell.length_b   76.580
_cell.length_c   119.470
_cell.angle_alpha   90.000
_cell.angle_beta   90.360
_cell.angle_gamma   90.000
#
_symmetry.space_group_name_H-M   'P 1 21 1'
#
loop_
_entity.id
_entity.type
_entity.pdbx_description
1 polymer 'Heavy chain of Fab fragment'
2 polymer 'Light chain of Fab fragment'
3 polymer 'pTau peptide'
4 water water
#
loop_
_entity_poly.entity_id
_entity_poly.type
_entity_poly.pdbx_seq_one_letter_code
_entity_poly.pdbx_strand_id
1 'polypeptide(L)'
;EVQLLESGGGLVQPGGSLRLSCAASGFTLSSYQMMWVRQAPGKGLEWVAGITGRGGVTGYADSVKGRFTISRDNSKNTLY
LQMNSLRAEDTAVYYCAKPALDSDQCGFPEAGCIDAWGQGTLVTVSSASTKGPSVFPLAPSSKSTSGGTAALGCLVKDYF
PEPVTVSWNSGALTSGVHTFPAVLQSSGLYSLSSVVTVPSSSLGTQTYICNVNHKPSNTKVDKKVEPKSC
;
A,H
2 'polypeptide(L)'
;SELTQDPAVSVALGQTVRITCQGDDSYYGWYQQKPGQAPVTVIYGNDNRPSGIPDRFSGSSSGNTASLTITGAQAEDEAD
YYCGAYDSSGGGGIFGGGTKLTVLGQPKAAPSVTLFPPSSEELQANKATLVCLISDFYPGAVTVAWKADSSPVKAGVETT
TPSKQSNNKYAASSYLSLTPEQWKSHRSYSCQVTHEGSTVEKTVAPTECS
;
B,L
3 'polypeptide(L)' KKVAVVR(TPO)PP C,P
#
# COMPACT_ATOMS: atom_id res chain seq x y z
N GLU A 1 -27.15 -0.97 -30.45
CA GLU A 1 -26.25 -2.02 -30.00
C GLU A 1 -25.47 -1.65 -28.74
N VAL A 2 -25.04 -2.68 -28.01
CA VAL A 2 -24.31 -2.53 -26.76
C VAL A 2 -22.85 -2.16 -27.06
N GLN A 3 -22.39 -1.08 -26.41
CA GLN A 3 -21.01 -0.62 -26.51
C GLN A 3 -20.44 -0.14 -25.20
N LEU A 4 -19.24 -0.62 -24.89
CA LEU A 4 -18.46 -0.29 -23.71
C LEU A 4 -17.18 0.35 -24.18
N LEU A 5 -16.88 1.51 -23.65
CA LEU A 5 -15.71 2.26 -24.08
C LEU A 5 -14.95 2.88 -22.92
N GLU A 6 -13.76 2.37 -22.69
CA GLU A 6 -12.82 2.76 -21.63
C GLU A 6 -11.82 3.82 -22.04
N SER A 7 -11.41 4.60 -21.06
CA SER A 7 -10.42 5.68 -21.14
C SER A 7 -9.71 5.75 -19.77
N GLY A 8 -8.71 6.61 -19.65
CA GLY A 8 -7.97 6.78 -18.41
C GLY A 8 -6.64 6.07 -18.39
N GLY A 9 -6.42 5.19 -19.35
CA GLY A 9 -5.16 4.45 -19.47
C GLY A 9 -3.97 5.33 -19.84
N GLY A 10 -2.77 4.83 -19.60
CA GLY A 10 -1.52 5.51 -19.88
C GLY A 10 -0.32 5.05 -19.07
N LEU A 11 0.81 5.78 -19.22
CA LEU A 11 2.07 5.53 -18.51
C LEU A 11 2.02 6.25 -17.19
N VAL A 12 2.35 5.56 -16.12
CA VAL A 12 2.35 6.03 -14.74
C VAL A 12 3.56 5.39 -14.00
N GLN A 13 4.06 6.08 -13.01
CA GLN A 13 5.21 5.71 -12.19
C GLN A 13 4.77 4.70 -11.15
N PRO A 14 5.67 3.78 -10.70
CA PRO A 14 5.31 2.91 -9.57
C PRO A 14 5.05 3.78 -8.31
N GLY A 15 3.88 3.60 -7.70
CA GLY A 15 3.42 4.38 -6.55
C GLY A 15 2.41 5.41 -6.99
N GLY A 16 2.29 5.62 -8.30
CA GLY A 16 1.34 6.56 -8.88
C GLY A 16 -0.10 6.06 -8.95
N SER A 17 -1.04 6.97 -9.23
CA SER A 17 -2.45 6.66 -9.38
C SER A 17 -2.99 6.93 -10.81
N LEU A 18 -4.00 6.14 -11.21
CA LEU A 18 -4.65 6.29 -12.50
C LEU A 18 -6.15 6.03 -12.30
N ARG A 19 -7.02 6.86 -12.88
CA ARG A 19 -8.48 6.64 -12.81
C ARG A 19 -8.97 6.13 -14.17
N LEU A 20 -9.49 4.91 -14.20
CA LEU A 20 -10.06 4.33 -15.42
C LEU A 20 -11.54 4.68 -15.51
N SER A 21 -12.04 4.87 -16.69
CA SER A 21 -13.44 5.23 -16.91
C SER A 21 -14.00 4.30 -17.97
N CYS A 22 -15.27 3.92 -17.84
CA CYS A 22 -15.94 3.09 -18.83
C CYS A 22 -17.32 3.67 -19.12
N ALA A 23 -17.53 4.14 -20.37
CA ALA A 23 -18.78 4.77 -20.78
C ALA A 23 -19.66 3.76 -21.56
N ALA A 24 -20.84 3.49 -21.01
CA ALA A 24 -21.77 2.52 -21.56
C ALA A 24 -22.86 3.17 -22.39
N SER A 25 -23.09 2.58 -23.58
CA SER A 25 -24.11 3.02 -24.51
C SER A 25 -24.86 1.80 -25.02
N GLY A 26 -26.11 2.02 -25.43
CA GLY A 26 -26.97 0.99 -25.98
C GLY A 26 -27.79 0.22 -24.95
N PHE A 27 -27.60 0.57 -23.66
CA PHE A 27 -28.26 -0.06 -22.52
C PHE A 27 -28.15 0.85 -21.31
N THR A 28 -28.90 0.53 -20.25
CA THR A 28 -28.96 1.25 -18.96
C THR A 28 -28.04 0.52 -17.99
N LEU A 29 -26.98 1.22 -17.52
CA LEU A 29 -25.98 0.71 -16.61
C LEU A 29 -26.60 0.25 -15.29
N SER A 30 -27.53 1.03 -14.72
CA SER A 30 -28.21 0.73 -13.44
C SER A 30 -28.90 -0.64 -13.34
N SER A 31 -29.24 -1.24 -14.50
CA SER A 31 -29.90 -2.54 -14.54
C SER A 31 -28.90 -3.71 -14.44
N TYR A 32 -27.59 -3.39 -14.44
CA TYR A 32 -26.54 -4.39 -14.49
C TYR A 32 -25.48 -4.26 -13.44
N GLN A 33 -25.02 -5.41 -12.93
CA GLN A 33 -23.89 -5.49 -12.03
C GLN A 33 -22.71 -5.40 -13.00
N MET A 34 -21.62 -4.74 -12.61
CA MET A 34 -20.50 -4.56 -13.57
C MET A 34 -19.17 -5.03 -13.02
N MET A 35 -18.22 -5.27 -13.91
CA MET A 35 -16.91 -5.73 -13.50
C MET A 35 -15.78 -5.21 -14.40
N TRP A 36 -14.55 -5.29 -13.87
CA TRP A 36 -13.31 -4.94 -14.55
C TRP A 36 -12.49 -6.23 -14.65
N VAL A 37 -11.95 -6.48 -15.83
CA VAL A 37 -11.09 -7.60 -16.17
C VAL A 37 -9.77 -6.99 -16.76
N ARG A 38 -8.61 -7.60 -16.52
CA ARG A 38 -7.35 -7.11 -17.04
C ARG A 38 -6.52 -8.23 -17.67
N GLN A 39 -5.55 -7.84 -18.53
CA GLN A 39 -4.73 -8.81 -19.24
C GLN A 39 -3.30 -8.26 -19.42
N ALA A 40 -2.32 -8.90 -18.71
CA ALA A 40 -0.90 -8.55 -18.77
C ALA A 40 -0.39 -8.96 -20.15
N PRO A 41 0.62 -8.27 -20.74
CA PRO A 41 1.06 -8.64 -22.11
C PRO A 41 1.50 -10.10 -22.25
N GLY A 42 0.89 -10.79 -23.22
CA GLY A 42 1.11 -12.22 -23.48
C GLY A 42 0.56 -13.16 -22.42
N LYS A 43 -0.20 -12.62 -21.46
CA LYS A 43 -0.81 -13.38 -20.37
C LYS A 43 -2.34 -13.52 -20.55
N GLY A 44 -2.97 -14.24 -19.63
CA GLY A 44 -4.40 -14.53 -19.65
C GLY A 44 -5.29 -13.46 -19.05
N LEU A 45 -6.63 -13.65 -19.15
CA LEU A 45 -7.62 -12.74 -18.58
C LEU A 45 -7.65 -12.95 -17.06
N GLU A 46 -7.83 -11.86 -16.31
CA GLU A 46 -7.84 -11.88 -14.85
C GLU A 46 -8.86 -10.85 -14.36
N TRP A 47 -9.79 -11.31 -13.51
CA TRP A 47 -10.86 -10.51 -12.93
C TRP A 47 -10.24 -9.62 -11.87
N VAL A 48 -10.56 -8.32 -11.87
CA VAL A 48 -9.96 -7.31 -10.99
C VAL A 48 -10.91 -6.92 -9.87
N ALA A 49 -12.10 -6.37 -10.28
CA ALA A 49 -13.08 -5.82 -9.37
C ALA A 49 -14.46 -5.95 -9.93
N GLY A 50 -15.44 -5.94 -9.03
CA GLY A 50 -16.85 -6.01 -9.39
C GLY A 50 -17.71 -5.15 -8.50
N ILE A 51 -18.86 -4.66 -9.03
CA ILE A 51 -19.82 -3.81 -8.30
C ILE A 51 -21.30 -4.21 -8.61
N THR A 52 -22.17 -4.07 -7.61
CA THR A 52 -23.61 -4.30 -7.74
C THR A 52 -24.26 -3.13 -8.54
N GLY A 53 -25.53 -3.28 -8.92
CA GLY A 53 -26.31 -2.29 -9.66
C GLY A 53 -26.39 -0.88 -9.09
N ARG A 54 -26.49 -0.76 -7.77
CA ARG A 54 -26.52 0.53 -7.06
C ARG A 54 -25.22 0.79 -6.30
N GLY A 55 -24.25 -0.11 -6.45
CA GLY A 55 -22.95 -0.02 -5.81
C GLY A 55 -22.91 -0.27 -4.31
N GLY A 56 -23.89 -1.04 -3.81
CA GLY A 56 -24.00 -1.41 -2.42
C GLY A 56 -22.96 -2.41 -1.95
N VAL A 57 -22.51 -3.31 -2.86
CA VAL A 57 -21.48 -4.31 -2.62
C VAL A 57 -20.40 -4.19 -3.71
N THR A 58 -19.13 -4.25 -3.30
CA THR A 58 -18.01 -4.24 -4.23
C THR A 58 -17.17 -5.45 -3.89
N GLY A 59 -16.42 -5.92 -4.88
CA GLY A 59 -15.52 -7.05 -4.71
C GLY A 59 -14.24 -6.79 -5.46
N TYR A 60 -13.12 -7.30 -4.91
CA TYR A 60 -11.78 -7.12 -5.46
C TYR A 60 -10.96 -8.37 -5.39
N ALA A 61 -10.06 -8.52 -6.35
CA ALA A 61 -9.07 -9.58 -6.38
C ALA A 61 -8.10 -9.27 -5.23
N ASP A 62 -7.51 -10.34 -4.66
CA ASP A 62 -6.60 -10.28 -3.52
C ASP A 62 -5.45 -9.33 -3.70
N SER A 63 -4.88 -9.31 -4.95
CA SER A 63 -3.72 -8.55 -5.35
C SER A 63 -3.93 -7.03 -5.49
N VAL A 64 -5.19 -6.57 -5.70
CA VAL A 64 -5.55 -5.17 -5.87
C VAL A 64 -6.36 -4.59 -4.71
N LYS A 65 -6.88 -5.47 -3.81
CA LYS A 65 -7.67 -5.06 -2.64
C LYS A 65 -6.89 -4.09 -1.75
N GLY A 66 -7.52 -2.96 -1.44
CA GLY A 66 -6.93 -1.91 -0.63
C GLY A 66 -6.33 -0.76 -1.43
N ARG A 67 -5.93 -1.03 -2.69
CA ARG A 67 -5.33 -0.03 -3.59
C ARG A 67 -6.33 0.41 -4.63
N PHE A 68 -7.13 -0.54 -5.19
CA PHE A 68 -8.13 -0.23 -6.21
C PHE A 68 -9.52 0.03 -5.61
N THR A 69 -10.32 0.88 -6.29
CA THR A 69 -11.69 1.23 -5.87
C THR A 69 -12.59 1.31 -7.07
N ILE A 70 -13.50 0.35 -7.16
CA ILE A 70 -14.51 0.26 -8.22
C ILE A 70 -15.68 1.11 -7.74
N SER A 71 -16.19 1.94 -8.62
CA SER A 71 -17.34 2.81 -8.32
C SER A 71 -18.12 2.98 -9.61
N ARG A 72 -19.34 3.49 -9.50
CA ARG A 72 -20.15 3.73 -10.69
C ARG A 72 -21.01 4.96 -10.56
N ASP A 73 -21.26 5.60 -11.70
CA ASP A 73 -22.21 6.72 -11.78
C ASP A 73 -23.31 6.30 -12.75
N ASN A 74 -24.44 5.80 -12.19
CA ASN A 74 -25.57 5.36 -13.01
C ASN A 74 -26.15 6.50 -13.86
N SER A 75 -26.16 7.71 -13.27
CA SER A 75 -26.61 8.95 -13.88
C SER A 75 -25.82 9.32 -15.16
N LYS A 76 -24.55 8.90 -15.24
CA LYS A 76 -23.67 9.19 -16.38
C LYS A 76 -23.44 7.97 -17.27
N ASN A 77 -24.04 6.81 -16.87
CA ASN A 77 -23.92 5.50 -17.51
C ASN A 77 -22.43 5.10 -17.56
N THR A 78 -21.69 5.40 -16.47
CA THR A 78 -20.24 5.19 -16.42
C THR A 78 -19.76 4.39 -15.22
N LEU A 79 -18.83 3.49 -15.49
CA LEU A 79 -18.20 2.63 -14.50
C LEU A 79 -16.79 3.17 -14.33
N TYR A 80 -16.31 3.24 -13.07
CA TYR A 80 -14.93 3.70 -12.76
C TYR A 80 -14.09 2.67 -12.01
N LEU A 81 -12.78 2.82 -12.06
CA LEU A 81 -11.77 2.05 -11.34
C LEU A 81 -10.62 3.00 -11.01
N GLN A 82 -10.57 3.45 -9.74
CA GLN A 82 -9.49 4.28 -9.22
C GLN A 82 -8.40 3.29 -8.85
N MET A 83 -7.23 3.41 -9.44
CA MET A 83 -6.12 2.49 -9.18
C MET A 83 -4.99 3.27 -8.51
N ASN A 84 -4.88 3.17 -7.18
CA ASN A 84 -3.86 3.85 -6.40
C ASN A 84 -2.65 2.96 -6.07
N SER A 85 -1.47 3.60 -5.72
CA SER A 85 -0.19 2.91 -5.38
C SER A 85 0.09 1.76 -6.36
N LEU A 86 0.13 2.10 -7.66
CA LEU A 86 0.32 1.15 -8.74
C LEU A 86 1.69 0.56 -8.79
N ARG A 87 1.77 -0.75 -9.12
CA ARG A 87 3.05 -1.46 -9.26
C ARG A 87 3.20 -2.04 -10.67
N ALA A 88 4.42 -2.41 -11.05
CA ALA A 88 4.76 -2.98 -12.35
C ALA A 88 3.88 -4.16 -12.73
N GLU A 89 3.41 -4.92 -11.73
CA GLU A 89 2.55 -6.10 -11.92
C GLU A 89 1.12 -5.72 -12.30
N ASP A 90 0.75 -4.43 -12.14
CA ASP A 90 -0.55 -3.95 -12.51
C ASP A 90 -0.57 -3.58 -13.99
N THR A 91 0.60 -3.61 -14.71
CA THR A 91 0.68 -3.33 -16.16
C THR A 91 -0.17 -4.36 -16.91
N ALA A 92 -1.22 -3.86 -17.61
CA ALA A 92 -2.17 -4.68 -18.35
C ALA A 92 -3.11 -3.84 -19.19
N VAL A 93 -3.81 -4.49 -20.12
CA VAL A 93 -4.91 -3.88 -20.86
C VAL A 93 -6.08 -4.19 -19.94
N TYR A 94 -6.84 -3.15 -19.61
CA TYR A 94 -7.97 -3.24 -18.72
C TYR A 94 -9.26 -3.11 -19.49
N TYR A 95 -10.10 -4.13 -19.34
CA TYR A 95 -11.42 -4.23 -19.96
C TYR A 95 -12.54 -4.10 -18.95
N CYS A 96 -13.56 -3.41 -19.39
CA CYS A 96 -14.85 -3.19 -18.79
C CYS A 96 -15.70 -4.37 -19.28
N ALA A 97 -16.45 -5.01 -18.39
CA ALA A 97 -17.23 -6.18 -18.86
C ALA A 97 -18.68 -6.15 -18.38
N LYS A 98 -19.60 -6.42 -19.29
CA LYS A 98 -21.04 -6.41 -19.01
C LYS A 98 -21.71 -7.79 -19.03
N PRO A 99 -22.38 -8.16 -17.92
CA PRO A 99 -23.15 -9.41 -17.89
C PRO A 99 -24.36 -9.37 -18.80
N ALA A 100 -24.69 -10.53 -19.39
CA ALA A 100 -25.83 -10.69 -20.28
C ALA A 100 -27.18 -10.48 -19.58
N LEU A 101 -27.28 -10.94 -18.33
CA LEU A 101 -28.50 -10.85 -17.53
C LEU A 101 -28.39 -9.76 -16.51
N ASP A 102 -29.51 -9.15 -16.16
CA ASP A 102 -29.67 -8.04 -15.22
C ASP A 102 -29.18 -8.36 -13.81
N SER A 103 -29.08 -7.32 -12.96
CA SER A 103 -28.59 -7.35 -11.56
C SER A 103 -29.20 -8.42 -10.66
N ASP A 104 -30.45 -8.81 -10.91
CA ASP A 104 -31.17 -9.84 -10.12
C ASP A 104 -30.74 -11.27 -10.48
N GLN A 105 -30.16 -11.46 -11.70
CA GLN A 105 -29.75 -12.75 -12.24
C GLN A 105 -28.22 -13.01 -12.25
N CYS A 106 -27.42 -11.99 -12.64
CA CYS A 106 -25.99 -12.14 -12.69
C CYS A 106 -25.27 -11.13 -11.85
N GLY A 107 -24.52 -11.64 -10.87
CA GLY A 107 -23.72 -10.86 -9.94
C GLY A 107 -22.42 -10.44 -10.60
N PHE A 108 -21.75 -9.44 -9.97
CA PHE A 108 -20.46 -8.90 -10.46
C PHE A 108 -19.31 -9.98 -10.55
N PRO A 109 -19.22 -11.05 -9.70
CA PRO A 109 -18.12 -12.01 -9.86
C PRO A 109 -18.46 -13.21 -10.77
N GLU A 110 -19.67 -13.22 -11.35
CA GLU A 110 -20.08 -14.31 -12.23
C GLU A 110 -19.42 -14.10 -13.64
N ALA A 111 -18.10 -14.41 -13.74
CA ALA A 111 -17.33 -14.18 -14.98
C ALA A 111 -17.72 -15.11 -16.15
N GLY A 112 -18.78 -15.90 -15.99
CA GLY A 112 -19.28 -16.79 -17.03
C GLY A 112 -20.55 -16.26 -17.67
N CYS A 113 -21.03 -15.08 -17.22
CA CYS A 113 -22.25 -14.41 -17.67
C CYS A 113 -21.99 -13.18 -18.54
N ILE A 114 -20.72 -12.90 -18.89
CA ILE A 114 -20.33 -11.73 -19.69
C ILE A 114 -20.80 -11.90 -21.13
N ASP A 115 -21.50 -10.87 -21.68
CA ASP A 115 -21.92 -10.84 -23.09
C ASP A 115 -21.23 -9.67 -23.86
N ALA A 116 -20.87 -8.59 -23.16
CA ALA A 116 -20.23 -7.43 -23.79
C ALA A 116 -18.91 -7.05 -23.13
N TRP A 117 -17.88 -6.82 -23.99
CA TRP A 117 -16.54 -6.42 -23.60
C TRP A 117 -16.17 -5.08 -24.17
N GLY A 118 -15.36 -4.31 -23.45
CA GLY A 118 -14.90 -3.01 -23.91
C GLY A 118 -13.77 -3.13 -24.91
N GLN A 119 -13.29 -1.99 -25.41
CA GLN A 119 -12.16 -1.98 -26.35
C GLN A 119 -10.81 -2.18 -25.64
N GLY A 120 -10.81 -1.89 -24.34
CA GLY A 120 -9.67 -2.03 -23.47
C GLY A 120 -8.81 -0.78 -23.44
N THR A 121 -8.17 -0.52 -22.29
CA THR A 121 -7.28 0.60 -22.13
C THR A 121 -5.97 0.11 -21.48
N LEU A 122 -4.82 0.43 -22.14
CA LEU A 122 -3.49 0.04 -21.67
C LEU A 122 -3.00 0.88 -20.49
N VAL A 123 -2.57 0.19 -19.45
CA VAL A 123 -1.98 0.78 -18.26
C VAL A 123 -0.51 0.31 -18.24
N THR A 124 0.44 1.26 -18.28
CA THR A 124 1.88 0.95 -18.24
C THR A 124 2.45 1.48 -16.95
N VAL A 125 2.83 0.59 -16.03
CA VAL A 125 3.43 1.02 -14.76
C VAL A 125 4.94 0.77 -14.85
N SER A 126 5.69 1.82 -15.17
CA SER A 126 7.12 1.78 -15.42
C SER A 126 7.80 3.01 -14.82
N SER A 127 9.08 2.86 -14.49
CA SER A 127 9.90 3.97 -13.99
C SER A 127 10.44 4.79 -15.17
N ALA A 128 10.32 4.22 -16.41
CA ALA A 128 10.72 4.81 -17.70
C ALA A 128 9.78 5.96 -18.19
N SER A 129 10.33 6.86 -18.98
CA SER A 129 9.59 8.02 -19.47
C SER A 129 9.21 7.89 -20.92
N THR A 130 8.19 8.66 -21.33
CA THR A 130 7.66 8.68 -22.67
C THR A 130 8.76 9.14 -23.64
N LYS A 131 8.87 8.41 -24.79
CA LYS A 131 9.82 8.72 -25.85
C LYS A 131 9.13 8.66 -27.16
N GLY A 132 9.25 9.73 -27.89
CA GLY A 132 8.68 9.91 -29.20
C GLY A 132 9.38 9.08 -30.25
N PRO A 133 8.69 8.71 -31.34
CA PRO A 133 9.37 7.87 -32.33
C PRO A 133 10.15 8.67 -33.37
N SER A 134 11.12 8.00 -33.99
CA SER A 134 11.93 8.53 -35.08
C SER A 134 11.48 7.78 -36.34
N VAL A 135 10.96 8.51 -37.31
CA VAL A 135 10.41 7.89 -38.54
C VAL A 135 11.35 8.01 -39.73
N PHE A 136 11.74 6.86 -40.30
CA PHE A 136 12.61 6.78 -41.46
C PHE A 136 11.91 6.08 -42.65
N PRO A 137 12.10 6.54 -43.90
CA PRO A 137 11.42 5.85 -45.01
C PRO A 137 12.15 4.58 -45.44
N LEU A 138 11.38 3.56 -45.84
CA LEU A 138 11.89 2.30 -46.39
C LEU A 138 11.57 2.35 -47.90
N ALA A 139 12.44 3.07 -48.66
CA ALA A 139 12.35 3.34 -50.10
C ALA A 139 12.20 2.09 -50.99
N PRO A 140 11.35 2.15 -52.05
CA PRO A 140 11.21 0.96 -52.91
C PRO A 140 12.40 0.72 -53.84
N GLY A 148 6.67 -5.64 -61.56
CA GLY A 148 5.25 -5.25 -61.55
C GLY A 148 4.84 -4.51 -60.28
N THR A 149 5.19 -5.08 -59.11
CA THR A 149 4.88 -4.49 -57.79
C THR A 149 6.13 -4.21 -56.96
N ALA A 150 6.14 -3.06 -56.26
CA ALA A 150 7.22 -2.61 -55.39
C ALA A 150 6.74 -2.48 -53.95
N ALA A 151 7.55 -3.00 -53.01
CA ALA A 151 7.23 -2.91 -51.58
C ALA A 151 7.96 -1.70 -50.98
N LEU A 152 7.19 -0.73 -50.45
CA LEU A 152 7.72 0.46 -49.79
C LEU A 152 7.09 0.60 -48.40
N GLY A 153 7.81 1.22 -47.47
CA GLY A 153 7.29 1.39 -46.12
C GLY A 153 8.00 2.45 -45.31
N CYS A 154 7.79 2.43 -44.00
CA CYS A 154 8.45 3.36 -43.09
C CYS A 154 8.67 2.74 -41.72
N LEU A 155 9.91 2.91 -41.25
CA LEU A 155 10.44 2.42 -40.00
C LEU A 155 10.18 3.45 -38.88
N VAL A 156 9.45 2.99 -37.84
CA VAL A 156 9.07 3.80 -36.67
C VAL A 156 9.93 3.31 -35.52
N LYS A 157 11.03 4.00 -35.28
CA LYS A 157 12.07 3.60 -34.34
C LYS A 157 12.10 4.31 -32.97
N ASP A 158 12.56 3.57 -31.94
CA ASP A 158 12.85 3.98 -30.56
C ASP A 158 11.76 4.81 -29.89
N TYR A 159 10.62 4.18 -29.61
CA TYR A 159 9.50 4.83 -28.96
C TYR A 159 9.07 4.08 -27.72
N PHE A 160 8.40 4.79 -26.80
CA PHE A 160 7.89 4.22 -25.53
C PHE A 160 6.81 5.10 -24.89
N PRO A 161 5.69 4.51 -24.38
CA PRO A 161 5.29 3.10 -24.46
C PRO A 161 4.52 2.79 -25.76
N GLU A 162 3.83 1.65 -25.80
CA GLU A 162 2.98 1.30 -26.93
C GLU A 162 1.65 2.11 -26.73
N PRO A 163 0.89 2.43 -27.80
CA PRO A 163 1.00 2.00 -29.19
C PRO A 163 1.42 3.09 -30.18
N VAL A 164 1.64 2.64 -31.41
CA VAL A 164 1.89 3.45 -32.59
C VAL A 164 0.93 2.92 -33.65
N THR A 165 0.20 3.84 -34.31
CA THR A 165 -0.69 3.49 -35.42
C THR A 165 -0.08 4.11 -36.68
N VAL A 166 -0.10 3.36 -37.80
CA VAL A 166 0.42 3.79 -39.09
C VAL A 166 -0.67 3.64 -40.15
N SER A 167 -1.06 4.77 -40.74
CA SER A 167 -2.03 4.81 -41.83
C SER A 167 -1.25 5.29 -43.08
N TRP A 168 -1.82 5.09 -44.30
CA TRP A 168 -1.16 5.49 -45.52
C TRP A 168 -2.02 6.40 -46.36
N ASN A 169 -1.46 7.54 -46.77
CA ASN A 169 -2.11 8.57 -47.59
C ASN A 169 -3.41 9.05 -46.94
N SER A 170 -3.31 9.36 -45.60
CA SER A 170 -4.40 9.83 -44.74
C SER A 170 -5.55 8.82 -44.67
N GLY A 171 -5.17 7.53 -44.68
CA GLY A 171 -6.08 6.39 -44.59
C GLY A 171 -6.77 6.01 -45.88
N ALA A 172 -6.48 6.74 -46.99
CA ALA A 172 -7.08 6.49 -48.32
C ALA A 172 -6.50 5.26 -48.98
N LEU A 173 -5.26 4.90 -48.63
CA LEU A 173 -4.55 3.73 -49.16
C LEU A 173 -4.58 2.65 -48.08
N THR A 174 -5.43 1.63 -48.28
CA THR A 174 -5.63 0.53 -47.32
C THR A 174 -5.24 -0.84 -47.85
N SER A 175 -5.44 -1.08 -49.16
CA SER A 175 -5.12 -2.37 -49.79
C SER A 175 -3.61 -2.50 -49.95
N GLY A 176 -3.10 -3.67 -49.59
CA GLY A 176 -1.68 -4.00 -49.65
C GLY A 176 -0.89 -3.52 -48.44
N VAL A 177 -1.59 -2.90 -47.44
CA VAL A 177 -0.99 -2.36 -46.21
C VAL A 177 -0.85 -3.43 -45.15
N HIS A 178 0.35 -3.56 -44.57
CA HIS A 178 0.63 -4.44 -43.44
C HIS A 178 1.59 -3.76 -42.44
N THR A 179 1.03 -3.43 -41.24
CA THR A 179 1.74 -2.80 -40.14
C THR A 179 2.08 -3.92 -39.19
N PHE A 180 3.36 -4.27 -39.15
CA PHE A 180 3.91 -5.36 -38.37
C PHE A 180 3.93 -5.09 -36.88
N PRO A 181 3.71 -6.12 -36.03
CA PRO A 181 3.80 -5.90 -34.57
C PRO A 181 5.18 -5.38 -34.18
N ALA A 182 5.22 -4.56 -33.13
CA ALA A 182 6.47 -3.93 -32.65
C ALA A 182 7.45 -4.91 -32.00
N VAL A 183 8.73 -4.56 -32.07
CA VAL A 183 9.80 -5.31 -31.44
C VAL A 183 10.23 -4.59 -30.14
N LEU A 184 10.20 -5.28 -29.00
CA LEU A 184 10.65 -4.69 -27.76
C LEU A 184 12.14 -4.99 -27.65
N GLN A 185 12.99 -3.97 -27.91
CA GLN A 185 14.45 -4.07 -27.87
C GLN A 185 14.94 -4.35 -26.44
N SER A 186 16.22 -4.73 -26.32
CA SER A 186 16.89 -5.00 -25.04
C SER A 186 16.99 -3.70 -24.19
N SER A 187 16.95 -2.52 -24.88
CA SER A 187 17.00 -1.17 -24.31
C SER A 187 15.67 -0.77 -23.64
N GLY A 188 14.60 -1.51 -23.93
CA GLY A 188 13.28 -1.27 -23.38
C GLY A 188 12.39 -0.38 -24.24
N LEU A 189 12.87 0.01 -25.43
CA LEU A 189 12.17 0.84 -26.39
C LEU A 189 11.58 -0.05 -27.47
N TYR A 190 10.51 0.43 -28.12
CA TYR A 190 9.87 -0.32 -29.20
C TYR A 190 10.25 0.24 -30.58
N SER A 191 10.08 -0.59 -31.61
CA SER A 191 10.29 -0.25 -33.02
C SER A 191 9.39 -1.11 -33.90
N LEU A 192 8.75 -0.50 -34.90
CA LEU A 192 7.91 -1.25 -35.83
C LEU A 192 8.09 -0.75 -37.25
N SER A 193 7.47 -1.48 -38.22
CA SER A 193 7.48 -1.13 -39.62
C SER A 193 6.14 -1.39 -40.26
N SER A 194 5.75 -0.53 -41.18
CA SER A 194 4.53 -0.67 -41.96
C SER A 194 4.95 -0.70 -43.44
N VAL A 195 4.52 -1.75 -44.18
CA VAL A 195 4.86 -1.92 -45.60
CA VAL A 195 4.85 -1.92 -45.59
C VAL A 195 3.60 -1.99 -46.46
N VAL A 196 3.58 -1.23 -47.57
CA VAL A 196 2.51 -1.19 -48.53
C VAL A 196 3.06 -1.61 -49.91
N THR A 197 2.39 -2.58 -50.58
CA THR A 197 2.78 -3.09 -51.89
C THR A 197 2.03 -2.27 -52.94
N VAL A 198 2.79 -1.59 -53.82
CA VAL A 198 2.25 -0.67 -54.83
C VAL A 198 2.71 -1.01 -56.27
N PRO A 199 2.07 -0.51 -57.37
CA PRO A 199 2.58 -0.82 -58.73
C PRO A 199 3.91 -0.11 -58.98
N SER A 200 4.87 -0.78 -59.64
CA SER A 200 6.21 -0.26 -59.91
C SER A 200 6.23 0.88 -60.92
N SER A 201 5.25 0.89 -61.84
CA SER A 201 5.09 1.90 -62.90
C SER A 201 4.64 3.29 -62.35
N SER A 202 3.95 3.29 -61.22
CA SER A 202 3.39 4.47 -60.54
C SER A 202 4.39 5.21 -59.65
N LEU A 203 5.53 4.60 -59.29
CA LEU A 203 6.53 5.14 -58.35
C LEU A 203 6.99 6.59 -58.62
N GLY A 204 7.22 6.93 -59.89
CA GLY A 204 7.67 8.27 -60.28
C GLY A 204 6.57 9.29 -60.53
N THR A 205 5.33 8.83 -60.62
CA THR A 205 4.16 9.68 -60.88
C THR A 205 3.27 9.89 -59.64
N GLN A 206 3.34 8.95 -58.68
CA GLN A 206 2.51 8.93 -57.47
C GLN A 206 3.29 9.06 -56.17
N THR A 207 2.62 9.63 -55.15
CA THR A 207 3.19 9.92 -53.83
C THR A 207 2.60 9.06 -52.70
N TYR A 208 3.48 8.42 -51.95
CA TYR A 208 3.11 7.58 -50.83
C TYR A 208 3.60 8.17 -49.50
N ILE A 209 2.64 8.56 -48.65
CA ILE A 209 2.94 9.15 -47.35
C ILE A 209 2.41 8.27 -46.21
N CYS A 210 3.28 7.93 -45.26
CA CYS A 210 2.85 7.18 -44.09
C CYS A 210 2.57 8.13 -42.97
N ASN A 211 1.42 7.93 -42.33
CA ASN A 211 0.96 8.77 -41.24
C ASN A 211 1.17 8.03 -39.92
N VAL A 212 2.22 8.40 -39.23
CA VAL A 212 2.58 7.80 -37.94
C VAL A 212 1.96 8.64 -36.81
N ASN A 213 1.39 7.97 -35.81
CA ASN A 213 0.74 8.60 -34.67
C ASN A 213 1.04 7.86 -33.39
N HIS A 214 1.71 8.53 -32.46
CA HIS A 214 2.11 8.04 -31.14
C HIS A 214 1.44 8.91 -30.09
N LYS A 215 0.22 8.49 -29.66
CA LYS A 215 -0.61 9.19 -28.68
C LYS A 215 0.07 9.36 -27.33
N PRO A 216 0.85 8.40 -26.78
CA PRO A 216 1.54 8.66 -25.49
C PRO A 216 2.45 9.91 -25.44
N SER A 217 3.02 10.32 -26.59
CA SER A 217 3.88 11.52 -26.68
C SER A 217 3.22 12.64 -27.49
N ASN A 218 1.94 12.41 -27.92
CA ASN A 218 1.12 13.35 -28.74
C ASN A 218 1.84 13.74 -30.07
N THR A 219 2.53 12.75 -30.69
CA THR A 219 3.34 12.85 -31.90
C THR A 219 2.58 12.39 -33.14
N LYS A 220 2.60 13.21 -34.17
CA LYS A 220 1.97 12.90 -35.44
C LYS A 220 2.99 13.24 -36.51
N VAL A 221 3.56 12.22 -37.15
CA VAL A 221 4.58 12.37 -38.19
C VAL A 221 4.05 11.86 -39.53
N ASP A 222 4.18 12.67 -40.59
CA ASP A 222 3.80 12.30 -41.95
C ASP A 222 5.08 12.24 -42.75
N LYS A 223 5.51 11.02 -43.13
CA LYS A 223 6.73 10.84 -43.93
C LYS A 223 6.48 10.38 -45.35
N LYS A 224 6.96 11.17 -46.33
CA LYS A 224 6.86 10.86 -47.76
C LYS A 224 7.92 9.82 -48.11
N VAL A 225 7.47 8.66 -48.62
CA VAL A 225 8.35 7.56 -49.00
C VAL A 225 8.47 7.60 -50.53
N GLU A 226 9.63 8.04 -51.02
CA GLU A 226 9.94 8.16 -52.45
C GLU A 226 11.11 7.24 -52.85
N PRO A 227 11.30 6.91 -54.16
CA PRO A 227 12.41 6.02 -54.53
C PRO A 227 13.80 6.62 -54.27
N LYS A 228 14.80 5.72 -54.04
CA LYS A 228 16.20 6.08 -53.75
C LYS A 228 16.92 6.86 -54.87
N SER A 229 17.95 7.65 -54.50
CA SER A 229 18.75 8.45 -55.42
C SER A 229 20.23 8.16 -55.25
N SER B 1 -11.02 -21.46 -5.79
CA SER B 1 -10.99 -22.30 -6.99
C SER B 1 -10.17 -21.63 -8.16
N GLU B 2 -10.06 -22.38 -9.28
CA GLU B 2 -9.38 -21.97 -10.50
C GLU B 2 -9.98 -22.78 -11.64
N LEU B 3 -9.76 -22.37 -12.88
CA LEU B 3 -10.30 -23.07 -14.05
C LEU B 3 -9.17 -23.63 -14.84
N THR B 4 -9.28 -24.92 -15.21
CA THR B 4 -8.24 -25.60 -15.96
C THR B 4 -8.64 -25.89 -17.39
N GLN B 5 -7.80 -25.46 -18.33
CA GLN B 5 -7.88 -25.71 -19.76
C GLN B 5 -6.49 -25.97 -20.34
N ASP B 6 -6.43 -26.76 -21.42
CA ASP B 6 -5.18 -27.08 -22.09
C ASP B 6 -4.67 -25.88 -22.83
N PRO B 7 -3.36 -25.54 -22.65
CA PRO B 7 -2.82 -24.35 -23.34
C PRO B 7 -3.02 -24.30 -24.86
N ALA B 8 -2.97 -25.46 -25.52
CA ALA B 8 -3.16 -25.53 -26.97
C ALA B 8 -3.99 -26.73 -27.43
N VAL B 9 -4.55 -26.61 -28.63
CA VAL B 9 -5.33 -27.64 -29.32
C VAL B 9 -5.38 -27.28 -30.80
N SER B 10 -5.40 -28.32 -31.64
CA SER B 10 -5.42 -28.18 -33.08
C SER B 10 -6.57 -28.96 -33.70
N VAL B 11 -7.09 -28.45 -34.81
CA VAL B 11 -8.18 -29.05 -35.57
C VAL B 11 -7.91 -28.83 -37.06
N ALA B 12 -8.22 -29.84 -37.88
CA ALA B 12 -8.06 -29.74 -39.33
C ALA B 12 -9.24 -28.88 -39.83
N LEU B 13 -8.98 -28.03 -40.84
CA LEU B 13 -9.96 -27.13 -41.43
C LEU B 13 -11.19 -27.90 -41.93
N GLY B 14 -12.37 -27.52 -41.44
CA GLY B 14 -13.64 -28.14 -41.78
C GLY B 14 -14.12 -29.18 -40.80
N GLN B 15 -13.27 -29.56 -39.84
CA GLN B 15 -13.60 -30.58 -38.83
C GLN B 15 -14.17 -29.96 -37.55
N THR B 16 -14.46 -30.81 -36.55
CA THR B 16 -15.03 -30.42 -35.26
C THR B 16 -13.96 -30.46 -34.15
N VAL B 17 -13.93 -29.43 -33.30
CA VAL B 17 -13.02 -29.31 -32.15
C VAL B 17 -13.84 -29.09 -30.87
N ARG B 18 -13.45 -29.77 -29.80
CA ARG B 18 -14.11 -29.64 -28.50
C ARG B 18 -13.08 -29.14 -27.48
N ILE B 19 -13.28 -27.91 -26.97
CA ILE B 19 -12.40 -27.29 -25.96
C ILE B 19 -13.07 -27.46 -24.60
N THR B 20 -12.37 -28.09 -23.66
CA THR B 20 -12.90 -28.35 -22.32
C THR B 20 -12.29 -27.42 -21.28
N CYS B 21 -13.06 -27.18 -20.22
CA CYS B 21 -12.71 -26.37 -19.07
C CYS B 21 -13.13 -27.15 -17.83
N GLN B 22 -12.29 -27.16 -16.80
CA GLN B 22 -12.51 -27.91 -15.58
C GLN B 22 -12.65 -26.99 -14.38
N GLY B 23 -13.81 -27.08 -13.74
CA GLY B 23 -14.16 -26.33 -12.54
C GLY B 23 -15.28 -27.02 -11.79
N ASP B 24 -15.71 -26.48 -10.64
CA ASP B 24 -16.82 -27.12 -9.92
C ASP B 24 -18.05 -26.20 -9.69
N ASP B 25 -19.30 -26.77 -9.94
CA ASP B 25 -20.62 -26.12 -9.73
C ASP B 25 -20.73 -24.72 -10.40
N SER B 26 -20.41 -24.59 -11.71
CA SER B 26 -20.49 -23.23 -12.22
C SER B 26 -21.32 -23.03 -13.50
N TYR B 27 -21.51 -21.74 -13.79
CA TYR B 27 -22.20 -21.10 -14.89
C TYR B 27 -21.04 -20.53 -15.73
N TYR B 28 -20.74 -21.17 -16.88
CA TYR B 28 -19.57 -20.93 -17.71
C TYR B 28 -19.77 -20.06 -18.90
N GLY B 29 -18.74 -19.24 -19.16
CA GLY B 29 -18.67 -18.36 -20.32
C GLY B 29 -17.47 -18.72 -21.16
N TRP B 30 -17.58 -18.54 -22.48
CA TRP B 30 -16.54 -18.83 -23.47
C TRP B 30 -16.28 -17.57 -24.30
N TYR B 31 -15.03 -17.09 -24.23
CA TYR B 31 -14.62 -15.83 -24.84
C TYR B 31 -13.51 -16.02 -25.82
N GLN B 32 -13.75 -15.60 -27.06
CA GLN B 32 -12.79 -15.72 -28.15
C GLN B 32 -11.96 -14.42 -28.19
N GLN B 33 -10.64 -14.56 -28.23
CA GLN B 33 -9.75 -13.41 -28.36
C GLN B 33 -8.70 -13.60 -29.43
N LYS B 34 -8.69 -12.71 -30.42
CA LYS B 34 -7.71 -12.68 -31.50
C LYS B 34 -6.52 -11.82 -31.04
N PRO B 35 -5.27 -12.11 -31.52
CA PRO B 35 -4.07 -11.43 -30.99
C PRO B 35 -4.13 -9.93 -30.66
N GLY B 36 -4.51 -9.09 -31.62
CA GLY B 36 -4.55 -7.65 -31.37
C GLY B 36 -5.79 -7.08 -30.74
N GLN B 37 -6.87 -7.89 -30.72
CA GLN B 37 -8.22 -7.53 -30.30
C GLN B 37 -8.60 -7.76 -28.84
N ALA B 38 -9.79 -7.21 -28.51
CA ALA B 38 -10.53 -7.36 -27.27
C ALA B 38 -11.22 -8.77 -27.32
N PRO B 39 -11.64 -9.38 -26.19
CA PRO B 39 -12.36 -10.65 -26.31
C PRO B 39 -13.80 -10.45 -26.84
N VAL B 40 -14.39 -11.54 -27.32
CA VAL B 40 -15.74 -11.60 -27.86
C VAL B 40 -16.45 -12.78 -27.18
N THR B 41 -17.72 -12.60 -26.77
CA THR B 41 -18.45 -13.72 -26.14
C THR B 41 -18.98 -14.66 -27.21
N VAL B 42 -18.52 -15.93 -27.24
CA VAL B 42 -19.07 -16.91 -28.17
C VAL B 42 -20.22 -17.70 -27.48
N ILE B 43 -20.13 -17.89 -26.16
CA ILE B 43 -21.11 -18.59 -25.31
C ILE B 43 -21.02 -17.92 -23.94
N TYR B 44 -22.15 -17.83 -23.25
CA TYR B 44 -22.23 -17.35 -21.88
C TYR B 44 -23.27 -18.22 -21.23
N GLY B 45 -23.25 -18.33 -19.91
CA GLY B 45 -24.24 -19.11 -19.19
C GLY B 45 -24.42 -20.55 -19.63
N ASN B 46 -23.31 -21.23 -19.87
CA ASN B 46 -23.14 -22.64 -20.31
C ASN B 46 -23.47 -22.92 -21.78
N ASP B 47 -24.63 -22.44 -22.27
CA ASP B 47 -25.14 -22.80 -23.61
C ASP B 47 -25.68 -21.66 -24.43
N ASN B 48 -25.88 -20.49 -23.81
CA ASN B 48 -26.44 -19.31 -24.47
C ASN B 48 -25.47 -18.68 -25.48
N ARG B 49 -25.75 -18.82 -26.78
CA ARG B 49 -24.95 -18.24 -27.85
C ARG B 49 -25.51 -16.83 -28.15
N PRO B 50 -24.68 -15.74 -28.04
CA PRO B 50 -25.22 -14.40 -28.35
C PRO B 50 -25.61 -14.32 -29.83
N SER B 51 -26.61 -13.48 -30.17
CA SER B 51 -27.03 -13.28 -31.57
C SER B 51 -25.88 -12.58 -32.32
N GLY B 52 -25.57 -13.11 -33.51
CA GLY B 52 -24.47 -12.62 -34.33
C GLY B 52 -23.34 -13.63 -34.37
N ILE B 53 -23.33 -14.56 -33.38
CA ILE B 53 -22.32 -15.62 -33.30
C ILE B 53 -22.80 -16.76 -34.18
N PRO B 54 -21.97 -17.29 -35.10
CA PRO B 54 -22.45 -18.39 -35.97
C PRO B 54 -22.80 -19.63 -35.16
N ASP B 55 -23.88 -20.37 -35.56
CA ASP B 55 -24.37 -21.55 -34.85
C ASP B 55 -23.39 -22.75 -34.89
N ARG B 56 -22.18 -22.56 -35.44
CA ARG B 56 -21.14 -23.60 -35.44
C ARG B 56 -20.46 -23.64 -34.07
N PHE B 57 -20.76 -22.64 -33.23
CA PHE B 57 -20.27 -22.51 -31.85
C PHE B 57 -21.39 -22.98 -30.92
N SER B 58 -21.10 -23.99 -30.11
CA SER B 58 -22.08 -24.50 -29.15
C SER B 58 -21.43 -24.74 -27.80
N GLY B 59 -22.16 -24.51 -26.74
CA GLY B 59 -21.70 -24.69 -25.38
C GLY B 59 -22.49 -25.75 -24.64
N SER B 60 -21.77 -26.58 -23.87
CA SER B 60 -22.33 -27.64 -23.07
C SER B 60 -21.58 -27.72 -21.76
N SER B 61 -22.30 -27.90 -20.64
CA SER B 61 -21.67 -28.04 -19.34
C SER B 61 -22.19 -29.29 -18.67
N SER B 62 -21.30 -30.29 -18.52
CA SER B 62 -21.56 -31.53 -17.82
C SER B 62 -21.02 -31.39 -16.39
N GLY B 63 -21.18 -32.44 -15.59
CA GLY B 63 -20.72 -32.50 -14.21
C GLY B 63 -19.25 -32.17 -14.08
N ASN B 64 -18.97 -30.93 -13.56
CA ASN B 64 -17.65 -30.36 -13.28
C ASN B 64 -16.72 -30.22 -14.52
N THR B 65 -17.31 -30.00 -15.71
CA THR B 65 -16.61 -29.80 -16.98
C THR B 65 -17.46 -29.00 -17.96
N ALA B 66 -16.93 -27.89 -18.46
CA ALA B 66 -17.57 -27.03 -19.47
C ALA B 66 -16.94 -27.39 -20.80
N SER B 67 -17.70 -27.30 -21.89
CA SER B 67 -17.22 -27.63 -23.24
C SER B 67 -17.69 -26.64 -24.29
N LEU B 68 -16.78 -26.21 -25.13
CA LEU B 68 -17.07 -25.34 -26.26
C LEU B 68 -16.81 -26.17 -27.50
N THR B 69 -17.84 -26.37 -28.30
CA THR B 69 -17.72 -27.16 -29.51
C THR B 69 -17.75 -26.23 -30.70
N ILE B 70 -16.80 -26.39 -31.61
CA ILE B 70 -16.72 -25.64 -32.86
C ILE B 70 -16.81 -26.65 -33.98
N THR B 71 -18.00 -26.77 -34.60
CA THR B 71 -18.23 -27.67 -35.75
C THR B 71 -17.77 -26.93 -37.01
N GLY B 72 -17.21 -27.66 -37.98
CA GLY B 72 -16.75 -27.09 -39.24
C GLY B 72 -15.82 -25.90 -39.03
N ALA B 73 -14.65 -26.17 -38.43
CA ALA B 73 -13.65 -25.18 -38.10
C ALA B 73 -13.22 -24.38 -39.30
N GLN B 74 -13.30 -23.06 -39.20
CA GLN B 74 -12.93 -22.14 -40.26
C GLN B 74 -11.63 -21.40 -39.88
N ALA B 75 -10.93 -20.85 -40.89
CA ALA B 75 -9.67 -20.12 -40.69
C ALA B 75 -9.78 -18.96 -39.67
N GLU B 76 -10.95 -18.28 -39.62
CA GLU B 76 -11.24 -17.17 -38.71
C GLU B 76 -11.52 -17.60 -37.24
N ASP B 77 -11.58 -18.93 -36.97
CA ASP B 77 -11.83 -19.45 -35.61
C ASP B 77 -10.50 -19.65 -34.90
N GLU B 78 -9.39 -19.45 -35.62
CA GLU B 78 -8.02 -19.53 -35.11
C GLU B 78 -7.87 -18.34 -34.18
N ALA B 79 -7.91 -18.60 -32.85
CA ALA B 79 -7.87 -17.61 -31.77
C ALA B 79 -7.67 -18.25 -30.42
N ASP B 80 -7.62 -17.42 -29.37
CA ASP B 80 -7.51 -17.87 -27.97
C ASP B 80 -8.92 -17.94 -27.37
N TYR B 81 -9.27 -19.11 -26.81
CA TYR B 81 -10.58 -19.31 -26.16
C TYR B 81 -10.42 -19.42 -24.65
N TYR B 82 -11.03 -18.46 -23.91
CA TYR B 82 -10.97 -18.43 -22.42
C TYR B 82 -12.28 -18.83 -21.80
N CYS B 83 -12.24 -19.63 -20.76
CA CYS B 83 -13.47 -19.97 -20.05
C CYS B 83 -13.52 -19.07 -18.82
N GLY B 84 -14.72 -18.60 -18.51
CA GLY B 84 -14.99 -17.77 -17.34
C GLY B 84 -16.05 -18.42 -16.48
N ALA B 85 -16.03 -18.15 -15.18
CA ALA B 85 -16.97 -18.73 -14.21
C ALA B 85 -16.83 -18.00 -12.89
N TYR B 86 -17.50 -18.48 -11.84
CA TYR B 86 -17.51 -17.90 -10.49
C TYR B 86 -16.74 -18.76 -9.46
N ASP B 87 -15.97 -18.09 -8.61
CA ASP B 87 -15.23 -18.68 -7.53
C ASP B 87 -15.98 -18.31 -6.25
N SER B 88 -16.77 -19.23 -5.71
CA SER B 88 -17.60 -19.02 -4.52
C SER B 88 -16.80 -18.92 -3.20
N SER B 89 -15.66 -19.65 -3.11
CA SER B 89 -14.77 -19.63 -1.94
C SER B 89 -14.24 -18.22 -1.75
N GLY B 90 -13.61 -17.68 -2.80
CA GLY B 90 -13.03 -16.33 -2.76
C GLY B 90 -14.00 -15.18 -2.91
N GLY B 91 -15.11 -15.40 -3.63
CA GLY B 91 -16.14 -14.41 -3.92
C GLY B 91 -15.90 -13.57 -5.16
N GLY B 92 -14.98 -14.00 -6.02
CA GLY B 92 -14.62 -13.29 -7.25
C GLY B 92 -14.76 -14.10 -8.51
N GLY B 93 -14.43 -13.48 -9.64
CA GLY B 93 -14.52 -14.08 -10.97
C GLY B 93 -13.28 -14.84 -11.36
N ILE B 94 -13.45 -15.95 -12.07
CA ILE B 94 -12.29 -16.75 -12.46
C ILE B 94 -12.26 -17.02 -13.94
N PHE B 95 -11.04 -17.15 -14.51
CA PHE B 95 -10.77 -17.43 -15.91
C PHE B 95 -9.76 -18.58 -16.02
N GLY B 96 -9.87 -19.32 -17.11
CA GLY B 96 -8.91 -20.38 -17.41
C GLY B 96 -7.75 -19.70 -18.10
N GLY B 97 -6.58 -20.36 -18.10
CA GLY B 97 -5.38 -19.82 -18.73
C GLY B 97 -5.46 -19.64 -20.23
N GLY B 98 -6.58 -20.07 -20.82
CA GLY B 98 -6.82 -19.96 -22.26
C GLY B 98 -6.39 -21.18 -23.06
N THR B 99 -7.01 -21.33 -24.23
CA THR B 99 -6.70 -22.41 -25.17
C THR B 99 -6.51 -21.80 -26.55
N LYS B 100 -5.26 -21.78 -27.05
CA LYS B 100 -5.00 -21.22 -28.37
C LYS B 100 -5.39 -22.30 -29.39
N LEU B 101 -6.34 -21.99 -30.27
CA LEU B 101 -6.80 -22.95 -31.26
C LEU B 101 -6.08 -22.73 -32.59
N THR B 102 -5.47 -23.80 -33.10
CA THR B 102 -4.78 -23.78 -34.39
C THR B 102 -5.59 -24.58 -35.41
N VAL B 103 -6.06 -23.89 -36.45
CA VAL B 103 -6.84 -24.49 -37.52
C VAL B 103 -5.81 -24.92 -38.58
N LEU B 104 -5.49 -26.22 -38.62
CA LEU B 104 -4.53 -26.78 -39.56
C LEU B 104 -5.16 -27.01 -40.93
N GLY B 105 -4.41 -27.65 -41.83
CA GLY B 105 -4.88 -28.00 -43.17
C GLY B 105 -5.10 -26.87 -44.16
N GLN B 106 -4.68 -25.64 -43.81
CA GLN B 106 -4.78 -24.50 -44.72
C GLN B 106 -3.70 -24.67 -45.82
N PRO B 107 -3.84 -24.10 -47.04
CA PRO B 107 -2.78 -24.31 -48.06
C PRO B 107 -1.41 -23.81 -47.62
N LYS B 108 -0.39 -24.67 -47.73
CA LYS B 108 0.98 -24.32 -47.38
C LYS B 108 1.42 -23.19 -48.32
N ALA B 109 1.72 -22.01 -47.76
CA ALA B 109 2.13 -20.85 -48.54
C ALA B 109 3.59 -20.48 -48.26
N ALA B 110 4.34 -20.22 -49.34
CA ALA B 110 5.77 -19.86 -49.29
C ALA B 110 5.91 -18.38 -48.90
N PRO B 111 6.84 -18.04 -47.97
CA PRO B 111 6.97 -16.64 -47.54
C PRO B 111 7.56 -15.68 -48.58
N SER B 112 6.98 -14.47 -48.68
CA SER B 112 7.45 -13.38 -49.52
C SER B 112 8.35 -12.52 -48.64
N VAL B 113 9.65 -12.60 -48.91
CA VAL B 113 10.69 -11.92 -48.12
C VAL B 113 11.13 -10.65 -48.84
N THR B 114 11.06 -9.51 -48.12
CA THR B 114 11.49 -8.20 -48.61
C THR B 114 12.53 -7.63 -47.63
N LEU B 115 13.76 -7.41 -48.12
CA LEU B 115 14.84 -6.88 -47.32
C LEU B 115 15.15 -5.44 -47.68
N PHE B 116 15.22 -4.58 -46.66
CA PHE B 116 15.50 -3.15 -46.80
C PHE B 116 16.87 -2.77 -46.21
N PRO B 117 17.68 -1.99 -46.95
CA PRO B 117 18.96 -1.55 -46.38
C PRO B 117 18.73 -0.30 -45.51
N PRO B 118 19.69 0.15 -44.67
CA PRO B 118 19.44 1.38 -43.90
C PRO B 118 19.18 2.57 -44.80
N SER B 119 18.21 3.42 -44.43
CA SER B 119 17.88 4.62 -45.19
C SER B 119 18.99 5.66 -45.06
N SER B 120 19.00 6.67 -45.94
CA SER B 120 20.00 7.75 -45.92
C SER B 120 19.83 8.56 -44.63
N GLU B 121 18.57 8.85 -44.25
CA GLU B 121 18.18 9.59 -43.04
C GLU B 121 18.67 8.89 -41.76
N GLU B 122 18.59 7.56 -41.71
CA GLU B 122 19.03 6.76 -40.55
C GLU B 122 20.55 6.71 -40.42
N LEU B 123 21.26 6.71 -41.58
CA LEU B 123 22.72 6.71 -41.60
C LEU B 123 23.28 8.08 -41.19
N GLN B 124 22.53 9.18 -41.47
CA GLN B 124 22.88 10.56 -41.07
C GLN B 124 22.68 10.72 -39.57
N ALA B 125 21.70 9.98 -39.00
CA ALA B 125 21.39 9.93 -37.57
C ALA B 125 22.30 8.90 -36.87
N ASN B 126 23.42 8.52 -37.56
CA ASN B 126 24.50 7.62 -37.12
C ASN B 126 24.01 6.23 -36.69
N LYS B 127 23.04 5.69 -37.46
CA LYS B 127 22.45 4.37 -37.17
C LYS B 127 22.29 3.51 -38.41
N ALA B 128 22.22 2.18 -38.20
CA ALA B 128 22.06 1.22 -39.27
C ALA B 128 21.15 0.09 -38.83
N THR B 129 20.00 -0.05 -39.52
CA THR B 129 19.05 -1.13 -39.27
C THR B 129 18.65 -1.77 -40.59
N LEU B 130 18.75 -3.08 -40.63
CA LEU B 130 18.39 -3.89 -41.77
C LEU B 130 17.01 -4.44 -41.48
N VAL B 131 16.02 -4.08 -42.32
CA VAL B 131 14.64 -4.50 -42.12
C VAL B 131 14.27 -5.66 -43.06
N CYS B 132 14.06 -6.85 -42.48
CA CYS B 132 13.67 -8.05 -43.25
C CYS B 132 12.22 -8.37 -42.92
N LEU B 133 11.32 -8.04 -43.88
CA LEU B 133 9.88 -8.28 -43.73
CA LEU B 133 9.89 -8.28 -43.71
C LEU B 133 9.46 -9.57 -44.41
N ILE B 134 8.95 -10.51 -43.61
CA ILE B 134 8.49 -11.82 -44.09
C ILE B 134 6.98 -11.85 -44.00
N SER B 135 6.31 -12.06 -45.12
CA SER B 135 4.85 -12.08 -45.18
C SER B 135 4.30 -13.21 -46.05
N ASP B 136 2.99 -13.49 -45.92
CA ASP B 136 2.21 -14.47 -46.69
C ASP B 136 2.73 -15.93 -46.57
N PHE B 137 2.71 -16.50 -45.34
CA PHE B 137 3.16 -17.89 -45.17
C PHE B 137 2.32 -18.72 -44.20
N TYR B 138 2.19 -20.03 -44.48
CA TYR B 138 1.49 -20.97 -43.61
C TYR B 138 2.20 -22.34 -43.64
N PRO B 139 2.49 -23.00 -42.48
CA PRO B 139 2.23 -22.58 -41.09
C PRO B 139 3.09 -21.41 -40.63
N GLY B 140 2.78 -20.88 -39.45
CA GLY B 140 3.46 -19.72 -38.91
C GLY B 140 4.63 -20.02 -38.02
N ALA B 141 5.68 -20.49 -38.67
CA ALA B 141 6.92 -20.82 -38.02
C ALA B 141 8.03 -20.62 -39.03
N VAL B 142 8.91 -19.66 -38.72
CA VAL B 142 10.07 -19.31 -39.54
C VAL B 142 11.29 -19.14 -38.67
N THR B 143 12.46 -19.54 -39.20
CA THR B 143 13.75 -19.40 -38.52
C THR B 143 14.58 -18.45 -39.37
N VAL B 144 14.91 -17.28 -38.81
CA VAL B 144 15.66 -16.25 -39.52
C VAL B 144 17.13 -16.28 -39.13
N ALA B 145 17.99 -16.25 -40.15
CA ALA B 145 19.43 -16.24 -39.98
C ALA B 145 20.00 -15.08 -40.80
N TRP B 146 20.82 -14.25 -40.16
CA TRP B 146 21.44 -13.12 -40.83
C TRP B 146 22.87 -13.46 -41.18
N LYS B 147 23.31 -13.05 -42.39
CA LYS B 147 24.67 -13.32 -42.86
C LYS B 147 25.37 -11.99 -43.18
N ALA B 148 26.58 -11.82 -42.58
CA ALA B 148 27.48 -10.70 -42.82
C ALA B 148 28.51 -11.30 -43.77
N ASP B 149 28.59 -10.76 -45.05
CA ASP B 149 29.45 -11.38 -46.07
C ASP B 149 28.95 -12.81 -46.26
N SER B 150 29.68 -13.82 -45.78
CA SER B 150 29.27 -15.23 -45.86
C SER B 150 29.11 -15.84 -44.44
N SER B 151 29.25 -14.98 -43.40
CA SER B 151 29.27 -15.37 -41.99
C SER B 151 27.98 -15.07 -41.20
N PRO B 152 27.46 -16.07 -40.41
CA PRO B 152 26.26 -15.86 -39.59
C PRO B 152 26.43 -14.80 -38.49
N VAL B 153 25.45 -13.90 -38.40
CA VAL B 153 25.43 -12.79 -37.43
C VAL B 153 24.91 -13.28 -36.06
N LYS B 154 25.74 -13.06 -35.01
CA LYS B 154 25.44 -13.50 -33.65
C LYS B 154 24.70 -12.46 -32.80
N ALA B 155 25.06 -11.17 -32.91
CA ALA B 155 24.47 -10.09 -32.12
C ALA B 155 23.73 -9.01 -32.93
N GLY B 156 22.86 -8.27 -32.25
CA GLY B 156 22.08 -7.19 -32.83
C GLY B 156 20.93 -7.64 -33.70
N VAL B 157 20.36 -8.83 -33.41
CA VAL B 157 19.24 -9.41 -34.15
C VAL B 157 17.97 -9.45 -33.27
N GLU B 158 16.89 -8.82 -33.75
CA GLU B 158 15.60 -8.77 -33.06
C GLU B 158 14.53 -9.29 -34.02
N THR B 159 13.81 -10.37 -33.65
CA THR B 159 12.80 -10.98 -34.50
C THR B 159 11.42 -11.04 -33.83
N THR B 160 10.37 -10.56 -34.53
CA THR B 160 8.99 -10.58 -34.04
C THR B 160 8.44 -12.00 -34.21
N THR B 161 7.63 -12.46 -33.25
CA THR B 161 6.97 -13.78 -33.33
C THR B 161 5.96 -13.76 -34.48
N PRO B 162 5.82 -14.84 -35.28
CA PRO B 162 4.88 -14.80 -36.42
C PRO B 162 3.43 -14.52 -36.02
N SER B 163 2.84 -13.51 -36.64
CA SER B 163 1.45 -13.10 -36.42
C SER B 163 0.70 -13.16 -37.73
N LYS B 164 -0.62 -13.43 -37.66
CA LYS B 164 -1.48 -13.54 -38.84
C LYS B 164 -1.78 -12.20 -39.49
N GLN B 165 -1.81 -12.19 -40.84
CA GLN B 165 -2.15 -11.03 -41.66
C GLN B 165 -3.69 -10.99 -41.77
N SER B 166 -4.21 -9.98 -42.49
CA SER B 166 -5.65 -9.80 -42.71
C SER B 166 -6.24 -10.99 -43.49
N ASN B 167 -5.53 -11.46 -44.55
CA ASN B 167 -5.91 -12.55 -45.46
C ASN B 167 -5.71 -13.99 -44.89
N ASN B 168 -5.35 -14.10 -43.60
CA ASN B 168 -5.09 -15.35 -42.84
C ASN B 168 -3.70 -15.98 -43.09
N LYS B 169 -2.84 -15.37 -43.97
CA LYS B 169 -1.47 -15.85 -44.14
C LYS B 169 -0.65 -15.23 -43.02
N TYR B 170 0.51 -15.79 -42.66
CA TYR B 170 1.27 -15.22 -41.53
C TYR B 170 2.32 -14.16 -41.96
N ALA B 171 2.88 -13.46 -40.95
CA ALA B 171 3.90 -12.44 -41.15
C ALA B 171 4.78 -12.25 -39.91
N ALA B 172 6.05 -11.92 -40.16
CA ALA B 172 7.09 -11.72 -39.16
C ALA B 172 8.14 -10.71 -39.64
N SER B 173 8.81 -10.05 -38.69
CA SER B 173 9.87 -9.06 -38.97
C SER B 173 11.17 -9.47 -38.28
N SER B 174 12.30 -9.14 -38.91
CA SER B 174 13.63 -9.38 -38.34
C SER B 174 14.49 -8.15 -38.59
N TYR B 175 15.02 -7.56 -37.50
CA TYR B 175 15.82 -6.33 -37.54
C TYR B 175 17.28 -6.59 -37.14
N LEU B 176 18.21 -6.19 -38.02
CA LEU B 176 19.64 -6.29 -37.76
C LEU B 176 20.21 -4.90 -37.50
N SER B 177 20.57 -4.62 -36.25
CA SER B 177 21.15 -3.34 -35.86
C SER B 177 22.66 -3.38 -35.95
N LEU B 178 23.22 -2.46 -36.75
CA LEU B 178 24.64 -2.30 -37.02
C LEU B 178 25.09 -0.85 -36.79
N THR B 179 26.41 -0.64 -36.82
CA THR B 179 27.02 0.68 -36.75
C THR B 179 27.15 1.07 -38.24
N PRO B 180 26.98 2.36 -38.66
CA PRO B 180 27.15 2.69 -40.10
C PRO B 180 28.44 2.14 -40.72
N GLU B 181 29.47 1.96 -39.87
CA GLU B 181 30.80 1.42 -40.21
C GLU B 181 30.71 -0.06 -40.60
N GLN B 182 30.02 -0.89 -39.76
CA GLN B 182 29.80 -2.32 -39.99
C GLN B 182 29.03 -2.59 -41.28
N TRP B 183 28.12 -1.67 -41.65
CA TRP B 183 27.31 -1.73 -42.87
C TRP B 183 28.21 -1.54 -44.08
N LYS B 184 29.10 -0.51 -44.06
CA LYS B 184 30.03 -0.16 -45.15
C LYS B 184 31.19 -1.14 -45.33
N SER B 185 31.76 -1.64 -44.20
CA SER B 185 32.90 -2.57 -44.17
C SER B 185 32.69 -3.94 -44.88
N HIS B 186 31.42 -4.36 -45.10
CA HIS B 186 31.09 -5.62 -45.78
C HIS B 186 30.54 -5.37 -47.19
N ARG B 187 30.73 -6.36 -48.10
CA ARG B 187 30.27 -6.28 -49.49
C ARG B 187 28.74 -6.34 -49.57
N SER B 188 28.14 -7.26 -48.78
CA SER B 188 26.69 -7.47 -48.73
C SER B 188 26.22 -8.11 -47.42
N TYR B 189 24.89 -8.04 -47.18
CA TYR B 189 24.24 -8.61 -46.00
C TYR B 189 23.03 -9.42 -46.45
N SER B 190 22.89 -10.65 -45.92
CA SER B 190 21.82 -11.56 -46.31
C SER B 190 20.82 -11.93 -45.20
N CYS B 191 19.54 -12.05 -45.57
CA CYS B 191 18.46 -12.47 -44.68
C CYS B 191 17.98 -13.85 -45.16
N GLN B 192 18.30 -14.90 -44.40
CA GLN B 192 17.96 -16.29 -44.71
C GLN B 192 16.74 -16.73 -43.89
N VAL B 193 15.60 -16.87 -44.57
CA VAL B 193 14.33 -17.24 -43.94
C VAL B 193 13.95 -18.69 -44.28
N THR B 194 13.99 -19.56 -43.27
CA THR B 194 13.66 -20.98 -43.43
C THR B 194 12.21 -21.25 -43.01
N HIS B 195 11.40 -21.78 -43.94
CA HIS B 195 10.00 -22.11 -43.73
C HIS B 195 9.72 -23.52 -44.30
N GLU B 196 9.51 -24.49 -43.37
CA GLU B 196 9.22 -25.91 -43.67
C GLU B 196 10.29 -26.58 -44.57
N GLY B 197 11.57 -26.39 -44.21
CA GLY B 197 12.72 -26.95 -44.92
C GLY B 197 13.24 -26.18 -46.11
N SER B 198 12.45 -25.20 -46.63
CA SER B 198 12.81 -24.38 -47.78
C SER B 198 13.29 -22.99 -47.35
N THR B 199 14.49 -22.58 -47.81
CA THR B 199 15.09 -21.29 -47.44
C THR B 199 14.97 -20.25 -48.55
N VAL B 200 14.41 -19.08 -48.21
CA VAL B 200 14.25 -17.91 -49.09
C VAL B 200 15.29 -16.89 -48.61
N GLU B 201 16.16 -16.45 -49.52
CA GLU B 201 17.23 -15.49 -49.20
C GLU B 201 17.09 -14.19 -49.98
N LYS B 202 17.42 -13.07 -49.32
CA LYS B 202 17.45 -11.73 -49.89
C LYS B 202 18.75 -11.04 -49.45
N THR B 203 19.34 -10.25 -50.36
CA THR B 203 20.63 -9.60 -50.09
C THR B 203 20.60 -8.11 -50.37
N VAL B 204 21.27 -7.33 -49.48
CA VAL B 204 21.41 -5.87 -49.59
C VAL B 204 22.88 -5.48 -49.51
N ALA B 205 23.30 -4.57 -50.42
CA ALA B 205 24.67 -4.07 -50.52
C ALA B 205 24.74 -2.53 -50.38
N PRO B 206 25.82 -1.97 -49.76
CA PRO B 206 25.90 -0.50 -49.61
C PRO B 206 26.09 0.24 -50.94
N LYS C 1 -35.06 -20.42 -12.19
CA LYS C 1 -34.69 -19.03 -12.50
C LYS C 1 -33.28 -18.71 -12.02
N LYS C 2 -32.49 -18.04 -12.89
CA LYS C 2 -31.14 -17.58 -12.59
C LYS C 2 -31.27 -16.45 -11.56
N VAL C 3 -30.57 -16.58 -10.44
CA VAL C 3 -30.53 -15.58 -9.37
C VAL C 3 -29.05 -15.19 -9.18
N ALA C 4 -28.79 -13.88 -9.03
CA ALA C 4 -27.45 -13.34 -8.78
C ALA C 4 -26.88 -13.92 -7.47
N VAL C 5 -25.58 -14.31 -7.48
CA VAL C 5 -24.88 -14.86 -6.30
C VAL C 5 -24.63 -13.81 -5.20
N VAL C 6 -24.69 -12.50 -5.59
CA VAL C 6 -24.46 -11.37 -4.69
C VAL C 6 -25.34 -10.22 -5.14
N ARG C 7 -25.92 -9.51 -4.17
CA ARG C 7 -26.75 -8.31 -4.33
C ARG C 7 -26.54 -7.48 -3.05
N TPO C 8 -27.12 -6.27 -2.99
CA TPO C 8 -27.06 -5.45 -1.77
CB TPO C 8 -27.46 -3.96 -1.95
CG2 TPO C 8 -27.08 -3.10 -0.74
OG1 TPO C 8 -26.69 -3.42 -2.99
P TPO C 8 -27.51 -2.98 -4.16
O1P TPO C 8 -28.42 -1.82 -3.82
O2P TPO C 8 -28.19 -4.14 -4.87
O3P TPO C 8 -26.51 -2.38 -5.11
C TPO C 8 -27.96 -6.13 -0.72
O TPO C 8 -29.13 -6.42 -1.04
N PRO C 9 -27.45 -6.43 0.50
CA PRO C 9 -28.31 -7.09 1.51
C PRO C 9 -29.56 -6.26 1.84
N PRO C 10 -30.74 -6.89 2.06
CA PRO C 10 -31.94 -6.09 2.36
C PRO C 10 -32.00 -5.54 3.78
N GLU D 1 6.88 -14.55 24.01
CA GLU D 1 6.03 -13.44 23.62
C GLU D 1 6.79 -12.39 22.81
N VAL D 2 6.06 -11.63 22.02
CA VAL D 2 6.59 -10.58 21.17
C VAL D 2 6.89 -9.36 22.03
N GLN D 3 8.09 -8.79 21.85
CA GLN D 3 8.55 -7.59 22.52
C GLN D 3 9.31 -6.71 21.56
N LEU D 4 8.98 -5.42 21.58
CA LEU D 4 9.62 -4.37 20.81
C LEU D 4 10.13 -3.36 21.81
N LEU D 5 11.40 -3.04 21.74
CA LEU D 5 12.06 -2.14 22.68
C LEU D 5 12.86 -1.06 21.97
N GLU D 6 12.34 0.16 22.00
CA GLU D 6 12.99 1.33 21.40
C GLU D 6 14.01 1.97 22.31
N SER D 7 15.03 2.54 21.70
CA SER D 7 16.11 3.28 22.38
C SER D 7 16.59 4.37 21.40
N GLY D 8 17.48 5.24 21.84
CA GLY D 8 18.04 6.27 20.99
C GLY D 8 17.36 7.62 21.12
N GLY D 9 16.28 7.69 21.90
CA GLY D 9 15.57 8.95 22.13
C GLY D 9 16.39 9.93 22.96
N GLY D 10 15.98 11.20 22.95
CA GLY D 10 16.66 12.23 23.72
C GLY D 10 16.39 13.64 23.25
N LEU D 11 17.21 14.57 23.77
CA LEU D 11 17.17 15.99 23.43
C LEU D 11 18.18 16.34 22.35
N VAL D 12 17.77 16.98 21.31
CA VAL D 12 18.59 17.55 20.27
C VAL D 12 18.12 19.01 19.96
N GLN D 13 19.04 19.80 19.49
CA GLN D 13 18.89 21.19 19.11
C GLN D 13 18.32 21.17 17.67
N PRO D 14 17.47 22.14 17.29
CA PRO D 14 16.93 22.13 15.91
C PRO D 14 18.05 22.11 14.86
N GLY D 15 17.96 21.15 13.94
CA GLY D 15 18.94 20.90 12.89
C GLY D 15 19.85 19.74 13.21
N GLY D 16 19.73 19.22 14.43
CA GLY D 16 20.50 18.08 14.90
C GLY D 16 19.95 16.74 14.44
N SER D 17 20.71 15.66 14.66
CA SER D 17 20.30 14.31 14.29
C SER D 17 20.20 13.34 15.47
N LEU D 18 19.37 12.31 15.31
CA LEU D 18 19.14 11.28 16.31
C LEU D 18 18.85 9.96 15.61
N ARG D 19 19.41 8.85 16.09
CA ARG D 19 19.16 7.52 15.54
C ARG D 19 18.35 6.70 16.55
N LEU D 20 17.15 6.28 16.14
CA LEU D 20 16.29 5.43 16.96
C LEU D 20 16.55 3.99 16.65
N SER D 21 16.45 3.12 17.62
CA SER D 21 16.61 1.67 17.41
C SER D 21 15.39 1.00 18.00
N CYS D 22 14.98 -0.11 17.42
CA CYS D 22 13.94 -0.92 17.95
C CYS D 22 14.41 -2.39 17.97
N ALA D 23 14.69 -2.94 19.13
CA ALA D 23 15.17 -4.34 19.24
C ALA D 23 14.00 -5.31 19.47
N ALA D 24 13.78 -6.17 18.48
CA ALA D 24 12.70 -7.13 18.47
C ALA D 24 13.13 -8.50 18.99
N SER D 25 12.27 -9.06 19.84
CA SER D 25 12.46 -10.37 20.41
C SER D 25 11.13 -11.08 20.37
N GLY D 26 11.18 -12.40 20.51
CA GLY D 26 9.99 -13.23 20.50
C GLY D 26 9.53 -13.65 19.12
N PHE D 27 10.19 -13.08 18.07
CA PHE D 27 9.85 -13.34 16.66
C PHE D 27 11.04 -12.99 15.76
N THR D 28 10.95 -13.35 14.47
CA THR D 28 11.97 -13.09 13.44
C THR D 28 11.56 -11.81 12.66
N LEU D 29 12.38 -10.76 12.74
CA LEU D 29 12.11 -9.48 12.11
C LEU D 29 11.95 -9.59 10.60
N SER D 30 12.87 -10.33 9.92
CA SER D 30 12.89 -10.57 8.47
C SER D 30 11.58 -11.10 7.88
N SER D 31 10.69 -11.69 8.71
CA SER D 31 9.39 -12.21 8.25
C SER D 31 8.32 -11.12 8.21
N TYR D 32 8.66 -9.91 8.69
CA TYR D 32 7.71 -8.81 8.83
C TYR D 32 8.14 -7.51 8.21
N GLN D 33 7.17 -6.81 7.64
CA GLN D 33 7.32 -5.43 7.14
C GLN D 33 7.19 -4.59 8.39
N MET D 34 7.95 -3.52 8.52
CA MET D 34 7.93 -2.77 9.79
C MET D 34 7.61 -1.31 9.56
N MET D 35 7.22 -0.59 10.62
CA MET D 35 6.89 0.82 10.53
C MET D 35 7.21 1.53 11.85
N TRP D 36 7.21 2.87 11.80
CA TRP D 36 7.43 3.79 12.90
C TRP D 36 6.19 4.69 12.90
N VAL D 37 5.64 4.87 14.10
CA VAL D 37 4.48 5.71 14.40
C VAL D 37 4.93 6.70 15.50
N ARG D 38 4.49 7.96 15.47
CA ARG D 38 4.84 8.94 16.49
C ARG D 38 3.63 9.65 17.10
N GLN D 39 3.80 10.20 18.30
CA GLN D 39 2.74 10.90 19.00
C GLN D 39 3.26 12.18 19.67
N ALA D 40 2.85 13.35 19.15
CA ALA D 40 3.23 14.66 19.71
C ALA D 40 2.47 14.82 21.03
N PRO D 41 3.00 15.58 22.04
CA PRO D 41 2.30 15.65 23.33
C PRO D 41 0.86 16.18 23.26
N GLY D 42 -0.07 15.36 23.76
CA GLY D 42 -1.50 15.64 23.77
C GLY D 42 -2.17 15.53 22.42
N LYS D 43 -1.45 15.00 21.38
CA LYS D 43 -1.94 14.83 20.01
C LYS D 43 -2.16 13.33 19.69
N GLY D 44 -2.71 13.05 18.51
CA GLY D 44 -2.99 11.68 18.08
C GLY D 44 -1.79 10.93 17.53
N LEU D 45 -2.01 9.65 17.16
CA LEU D 45 -1.02 8.77 16.53
C LEU D 45 -0.81 9.22 15.07
N GLU D 46 0.45 9.18 14.62
CA GLU D 46 0.84 9.61 13.27
C GLU D 46 1.92 8.68 12.69
N TRP D 47 1.61 8.06 11.53
CA TRP D 47 2.50 7.16 10.81
C TRP D 47 3.67 7.97 10.27
N VAL D 48 4.92 7.52 10.51
CA VAL D 48 6.14 8.22 10.10
C VAL D 48 6.79 7.63 8.82
N ALA D 49 7.20 6.35 8.93
CA ALA D 49 7.96 5.62 7.94
C ALA D 49 7.67 4.15 8.03
N GLY D 50 7.90 3.44 6.93
CA GLY D 50 7.68 2.00 6.82
C GLY D 50 8.70 1.37 5.90
N ILE D 51 9.00 0.06 6.12
CA ILE D 51 9.99 -0.70 5.34
C ILE D 51 9.51 -2.16 5.06
N THR D 52 9.87 -2.70 3.90
CA THR D 52 9.58 -4.08 3.53
C THR D 52 10.54 -5.07 4.28
N GLY D 53 10.27 -6.38 4.20
CA GLY D 53 11.01 -7.44 4.88
C GLY D 53 12.52 -7.40 4.73
N ARG D 54 13.01 -7.21 3.51
CA ARG D 54 14.42 -7.09 3.17
C ARG D 54 14.86 -5.63 2.93
N GLY D 55 13.96 -4.70 3.17
CA GLY D 55 14.22 -3.27 2.97
C GLY D 55 14.33 -2.84 1.53
N GLY D 56 13.64 -3.55 0.65
CA GLY D 56 13.61 -3.28 -0.79
C GLY D 56 12.85 -2.02 -1.15
N VAL D 57 11.78 -1.70 -0.39
CA VAL D 57 10.93 -0.53 -0.59
C VAL D 57 10.81 0.15 0.78
N THR D 58 10.82 1.50 0.79
CA THR D 58 10.67 2.32 1.99
C THR D 58 9.56 3.34 1.72
N GLY D 59 8.93 3.81 2.77
CA GLY D 59 7.86 4.78 2.69
C GLY D 59 7.97 5.79 3.81
N TYR D 60 7.65 7.06 3.48
CA TYR D 60 7.74 8.16 4.43
C TYR D 60 6.57 9.09 4.31
N ALA D 61 6.20 9.67 5.45
CA ALA D 61 5.19 10.71 5.56
C ALA D 61 5.82 11.91 4.83
N ASP D 62 4.97 12.73 4.16
CA ASP D 62 5.38 13.92 3.41
C ASP D 62 6.29 14.86 4.20
N SER D 63 5.96 15.09 5.50
CA SER D 63 6.63 15.98 6.45
C SER D 63 8.05 15.55 6.86
N VAL D 64 8.37 14.25 6.76
CA VAL D 64 9.65 13.70 7.18
C VAL D 64 10.50 13.22 6.00
N LYS D 65 9.89 13.04 4.83
CA LYS D 65 10.60 12.60 3.62
C LYS D 65 11.76 13.55 3.29
N GLY D 66 12.94 12.95 3.08
CA GLY D 66 14.18 13.66 2.77
C GLY D 66 15.08 13.86 3.97
N ARG D 67 14.49 13.90 5.19
CA ARG D 67 15.22 14.08 6.44
C ARG D 67 15.36 12.81 7.22
N PHE D 68 14.29 11.97 7.23
CA PHE D 68 14.30 10.71 7.94
C PHE D 68 14.66 9.54 7.03
N THR D 69 15.33 8.50 7.59
CA THR D 69 15.71 7.27 6.89
C THR D 69 15.40 6.03 7.70
N ILE D 70 14.42 5.26 7.24
CA ILE D 70 14.07 3.97 7.86
C ILE D 70 15.00 2.91 7.29
N SER D 71 15.55 2.07 8.16
CA SER D 71 16.42 0.97 7.74
C SER D 71 16.23 -0.18 8.69
N ARG D 72 16.79 -1.33 8.37
CA ARG D 72 16.67 -2.47 9.26
C ARG D 72 17.86 -3.38 9.13
N ASP D 73 18.16 -4.09 10.21
CA ASP D 73 19.21 -5.07 10.21
C ASP D 73 18.57 -6.38 10.71
N ASN D 74 18.19 -7.22 9.76
CA ASN D 74 17.54 -8.49 10.03
C ASN D 74 18.43 -9.40 10.87
N SER D 75 19.76 -9.38 10.62
CA SER D 75 20.73 -10.16 11.39
C SER D 75 20.83 -9.73 12.88
N LYS D 76 20.38 -8.50 13.24
CA LYS D 76 20.38 -7.98 14.62
C LYS D 76 18.98 -7.95 15.22
N ASN D 77 17.95 -8.28 14.40
CA ASN D 77 16.53 -8.24 14.73
C ASN D 77 16.18 -6.83 15.18
N THR D 78 16.80 -5.83 14.55
CA THR D 78 16.61 -4.41 14.87
C THR D 78 16.11 -3.59 13.71
N LEU D 79 15.23 -2.64 14.00
CA LEU D 79 14.65 -1.67 13.07
C LEU D 79 15.23 -0.32 13.44
N TYR D 80 15.65 0.48 12.43
CA TYR D 80 16.18 1.82 12.72
C TYR D 80 15.39 2.98 12.09
N LEU D 81 15.55 4.18 12.62
CA LEU D 81 15.03 5.42 12.06
C LEU D 81 16.06 6.51 12.29
N GLN D 82 16.82 6.85 11.24
CA GLN D 82 17.80 7.94 11.31
C GLN D 82 16.99 9.25 11.11
N MET D 83 16.98 10.11 12.12
CA MET D 83 16.24 11.36 12.04
C MET D 83 17.24 12.50 11.90
N ASN D 84 17.38 13.07 10.70
CA ASN D 84 18.30 14.17 10.45
C ASN D 84 17.54 15.48 10.27
N SER D 85 18.23 16.63 10.41
CA SER D 85 17.69 18.00 10.30
C SER D 85 16.38 18.12 11.05
N LEU D 86 16.39 17.73 12.34
CA LEU D 86 15.22 17.72 13.21
C LEU D 86 14.70 19.09 13.57
N ARG D 87 13.36 19.23 13.55
CA ARG D 87 12.68 20.47 13.88
C ARG D 87 11.77 20.29 15.11
N ALA D 88 11.38 21.39 15.76
CA ALA D 88 10.52 21.37 16.95
C ALA D 88 9.23 20.53 16.77
N GLU D 89 8.68 20.49 15.52
CA GLU D 89 7.46 19.75 15.15
C GLU D 89 7.68 18.21 15.16
N ASP D 90 8.96 17.75 15.16
CA ASP D 90 9.30 16.35 15.23
C ASP D 90 9.30 15.83 16.68
N THR D 91 9.10 16.73 17.70
CA THR D 91 9.05 16.37 19.13
C THR D 91 7.84 15.48 19.30
N ALA D 92 8.08 14.25 19.78
CA ALA D 92 7.06 13.24 19.94
C ALA D 92 7.62 11.97 20.58
N VAL D 93 6.71 11.12 21.04
CA VAL D 93 7.06 9.79 21.53
C VAL D 93 6.97 8.95 20.26
N TYR D 94 8.05 8.20 19.98
CA TYR D 94 8.17 7.39 18.78
C TYR D 94 8.05 5.91 19.13
N TYR D 95 7.10 5.27 18.49
CA TYR D 95 6.78 3.85 18.62
C TYR D 95 7.10 3.10 17.34
N CYS D 96 7.69 1.96 17.55
CA CYS D 96 8.05 0.92 16.64
C CYS D 96 6.76 0.02 16.60
N ALA D 97 6.30 -0.34 15.39
CA ALA D 97 5.06 -1.14 15.25
C ALA D 97 5.20 -2.37 14.37
N LYS D 98 4.70 -3.49 14.85
CA LYS D 98 4.75 -4.79 14.17
C LYS D 98 3.40 -5.29 13.65
N PRO D 99 3.32 -5.57 12.32
CA PRO D 99 2.06 -6.11 11.77
C PRO D 99 1.82 -7.55 12.24
N ALA D 100 0.55 -7.93 12.35
CA ALA D 100 0.16 -9.26 12.82
C ALA D 100 0.49 -10.36 11.83
N LEU D 101 0.37 -10.03 10.53
CA LEU D 101 0.64 -10.95 9.45
C LEU D 101 2.01 -10.66 8.81
N ASP D 102 2.60 -11.69 8.22
CA ASP D 102 3.90 -11.66 7.56
C ASP D 102 3.98 -10.72 6.32
N SER D 103 5.23 -10.44 5.85
CA SER D 103 5.57 -9.54 4.74
C SER D 103 4.75 -9.75 3.47
N ASP D 104 4.32 -10.97 3.21
CA ASP D 104 3.51 -11.32 2.02
C ASP D 104 2.04 -10.88 2.12
N GLN D 105 1.54 -10.63 3.37
CA GLN D 105 0.15 -10.30 3.68
C GLN D 105 -0.05 -8.85 4.06
N CYS D 106 0.83 -8.33 4.94
CA CYS D 106 0.73 -6.97 5.43
C CYS D 106 1.96 -6.14 5.12
N GLY D 107 1.71 -5.11 4.34
CA GLY D 107 2.69 -4.11 3.92
C GLY D 107 2.96 -3.13 5.04
N PHE D 108 4.09 -2.40 4.93
CA PHE D 108 4.51 -1.40 5.89
C PHE D 108 3.49 -0.21 6.10
N PRO D 109 2.66 0.21 5.11
CA PRO D 109 1.74 1.33 5.38
C PRO D 109 0.35 0.87 5.88
N GLU D 110 0.16 -0.46 5.99
CA GLU D 110 -1.11 -1.02 6.42
C GLU D 110 -1.30 -0.84 7.94
N ALA D 111 -1.59 0.41 8.37
CA ALA D 111 -1.69 0.77 9.79
C ALA D 111 -2.90 0.14 10.53
N GLY D 112 -3.68 -0.70 9.84
CA GLY D 112 -4.80 -1.43 10.42
C GLY D 112 -4.45 -2.88 10.73
N CYS D 113 -3.16 -3.27 10.49
CA CYS D 113 -2.63 -4.61 10.65
C CYS D 113 -1.66 -4.78 11.81
N ILE D 114 -1.45 -3.74 12.63
CA ILE D 114 -0.52 -3.75 13.77
C ILE D 114 -1.04 -4.62 14.88
N ASP D 115 -0.18 -5.52 15.43
CA ASP D 115 -0.55 -6.34 16.59
C ASP D 115 0.37 -6.07 17.81
N ALA D 116 1.57 -5.60 17.58
CA ALA D 116 2.53 -5.32 18.65
C ALA D 116 3.08 -3.92 18.55
N TRP D 117 3.16 -3.24 19.70
CA TRP D 117 3.66 -1.87 19.84
C TRP D 117 4.84 -1.87 20.77
N GLY D 118 5.76 -0.94 20.54
CA GLY D 118 6.92 -0.78 21.40
C GLY D 118 6.59 0.04 22.63
N GLN D 119 7.56 0.18 23.54
CA GLN D 119 7.41 0.99 24.76
C GLN D 119 7.28 2.50 24.44
N GLY D 120 7.92 2.93 23.37
CA GLY D 120 7.96 4.33 22.95
C GLY D 120 9.20 5.04 23.47
N THR D 121 9.77 5.94 22.65
CA THR D 121 10.97 6.68 23.02
C THR D 121 10.75 8.18 22.73
N LEU D 122 10.96 9.03 23.77
CA LEU D 122 10.74 10.47 23.64
C LEU D 122 11.89 11.15 22.89
N VAL D 123 11.53 11.97 21.92
CA VAL D 123 12.42 12.77 21.11
C VAL D 123 12.05 14.22 21.40
N THR D 124 13.01 15.00 21.89
CA THR D 124 12.78 16.42 22.19
C THR D 124 13.64 17.27 21.27
N VAL D 125 13.01 18.12 20.46
CA VAL D 125 13.76 18.99 19.58
C VAL D 125 13.53 20.37 20.12
N SER D 126 14.53 20.87 20.82
CA SER D 126 14.44 22.16 21.51
C SER D 126 15.75 22.91 21.54
N SER D 127 15.68 24.23 21.59
CA SER D 127 16.84 25.08 21.73
C SER D 127 17.30 25.13 23.22
N ALA D 128 16.49 24.58 24.14
CA ALA D 128 16.77 24.48 25.57
C ALA D 128 17.80 23.37 25.80
N SER D 129 18.56 23.50 26.87
CA SER D 129 19.61 22.53 27.16
C SER D 129 19.24 21.59 28.30
N THR D 130 19.92 20.44 28.34
CA THR D 130 19.78 19.43 29.38
C THR D 130 20.20 19.97 30.76
N LYS D 131 19.36 19.69 31.76
CA LYS D 131 19.65 20.02 33.15
C LYS D 131 19.44 18.78 34.00
N GLY D 132 20.49 18.42 34.74
CA GLY D 132 20.51 17.29 35.64
C GLY D 132 19.64 17.51 36.86
N PRO D 133 19.09 16.42 37.46
CA PRO D 133 18.24 16.60 38.63
C PRO D 133 18.99 16.72 39.96
N SER D 134 18.35 17.35 40.95
CA SER D 134 18.87 17.46 42.31
C SER D 134 18.00 16.53 43.17
N VAL D 135 18.59 15.49 43.74
CA VAL D 135 17.86 14.49 44.53
C VAL D 135 17.94 14.75 46.06
N PHE D 136 16.78 14.86 46.73
CA PHE D 136 16.68 15.07 48.17
C PHE D 136 15.84 13.98 48.82
N PRO D 137 16.18 13.50 50.02
CA PRO D 137 15.37 12.44 50.64
C PRO D 137 14.11 12.98 51.33
N LEU D 138 13.01 12.22 51.22
CA LEU D 138 11.74 12.54 51.87
C LEU D 138 11.60 11.53 53.01
N ALA D 139 12.28 11.85 54.15
CA ALA D 139 12.37 11.05 55.39
C ALA D 139 11.04 10.62 56.00
N PRO D 140 10.94 9.38 56.52
CA PRO D 140 9.65 8.92 57.10
C PRO D 140 9.34 9.54 58.46
N GLY D 148 2.04 1.29 62.01
CA GLY D 148 2.07 0.11 61.16
C GLY D 148 2.94 0.28 59.94
N THR D 149 2.60 1.24 59.06
CA THR D 149 3.33 1.56 57.82
C THR D 149 3.77 3.01 57.75
N ALA D 150 4.96 3.25 57.18
CA ALA D 150 5.56 4.56 57.01
C ALA D 150 5.83 4.83 55.53
N ALA D 151 5.53 6.05 55.08
CA ALA D 151 5.76 6.48 53.70
C ALA D 151 7.05 7.30 53.61
N LEU D 152 8.07 6.77 52.93
CA LEU D 152 9.33 7.47 52.70
C LEU D 152 9.57 7.58 51.19
N GLY D 153 10.31 8.61 50.76
CA GLY D 153 10.57 8.80 49.34
C GLY D 153 11.75 9.63 48.93
N CYS D 154 11.78 10.02 47.63
CA CYS D 154 12.82 10.84 47.02
C CYS D 154 12.23 11.97 46.23
N LEU D 155 12.77 13.18 46.39
CA LEU D 155 12.37 14.35 45.63
C LEU D 155 13.45 14.56 44.59
N VAL D 156 13.06 14.52 43.29
CA VAL D 156 13.94 14.70 42.13
C VAL D 156 13.51 16.04 41.52
N LYS D 157 14.37 17.05 41.71
CA LYS D 157 14.10 18.45 41.43
C LYS D 157 14.87 19.07 40.25
N ASP D 158 14.20 20.00 39.55
CA ASP D 158 14.72 20.86 38.48
C ASP D 158 15.55 20.12 37.40
N TYR D 159 14.87 19.29 36.62
CA TYR D 159 15.53 18.54 35.56
C TYR D 159 14.86 18.77 34.24
N PHE D 160 15.60 18.60 33.13
CA PHE D 160 15.09 18.73 31.76
C PHE D 160 15.95 17.98 30.76
N PRO D 161 15.36 17.25 29.79
CA PRO D 161 13.93 16.99 29.59
C PRO D 161 13.46 15.77 30.37
N GLU D 162 12.29 15.24 30.05
CA GLU D 162 11.80 13.98 30.60
C GLU D 162 12.49 12.85 29.79
N PRO D 163 12.67 11.64 30.34
CA PRO D 163 12.19 11.12 31.62
C PRO D 163 13.26 10.94 32.71
N VAL D 164 12.79 10.68 33.92
CA VAL D 164 13.57 10.31 35.08
C VAL D 164 13.00 8.95 35.51
N THR D 165 13.88 7.95 35.75
CA THR D 165 13.44 6.67 36.26
C THR D 165 13.89 6.51 37.69
N VAL D 166 12.98 6.09 38.59
CA VAL D 166 13.32 5.88 39.99
C VAL D 166 13.03 4.43 40.35
N SER D 167 14.07 3.70 40.70
CA SER D 167 13.98 2.34 41.21
C SER D 167 14.39 2.44 42.72
N TRP D 168 14.04 1.41 43.52
CA TRP D 168 14.35 1.34 44.94
C TRP D 168 15.14 0.09 45.28
N ASN D 169 16.27 0.29 45.95
CA ASN D 169 17.19 -0.78 46.40
C ASN D 169 17.65 -1.61 45.21
N SER D 170 18.11 -0.93 44.15
CA SER D 170 18.59 -1.47 42.87
C SER D 170 17.52 -2.33 42.17
N GLY D 171 16.27 -1.84 42.26
CA GLY D 171 15.09 -2.48 41.66
C GLY D 171 14.56 -3.70 42.40
N ALA D 172 15.20 -4.09 43.52
CA ALA D 172 14.77 -5.25 44.32
C ALA D 172 13.53 -4.95 45.16
N LEU D 173 13.30 -3.68 45.50
CA LEU D 173 12.13 -3.25 46.26
C LEU D 173 11.12 -2.63 45.28
N THR D 174 10.06 -3.40 44.97
CA THR D 174 9.02 -3.01 44.00
C THR D 174 7.66 -2.80 44.62
N SER D 175 7.28 -3.63 45.61
CA SER D 175 5.99 -3.52 46.27
C SER D 175 5.87 -2.24 47.10
N GLY D 176 4.74 -1.55 46.94
CA GLY D 176 4.45 -0.30 47.63
C GLY D 176 5.12 0.92 47.03
N VAL D 177 5.79 0.74 45.86
CA VAL D 177 6.48 1.83 45.15
C VAL D 177 5.48 2.54 44.26
N HIS D 178 5.50 3.89 44.30
CA HIS D 178 4.69 4.75 43.45
C HIS D 178 5.50 5.99 43.09
N THR D 179 5.95 6.05 41.80
CA THR D 179 6.70 7.18 41.26
C THR D 179 5.66 8.02 40.55
N PHE D 180 5.38 9.20 41.10
CA PHE D 180 4.36 10.13 40.65
C PHE D 180 4.72 10.82 39.36
N PRO D 181 3.71 11.13 38.50
CA PRO D 181 4.01 11.90 37.29
C PRO D 181 4.66 13.23 37.65
N ALA D 182 5.59 13.71 36.80
CA ALA D 182 6.31 14.93 37.02
C ALA D 182 5.46 16.18 36.84
N VAL D 183 5.89 17.27 37.50
CA VAL D 183 5.28 18.58 37.38
C VAL D 183 6.11 19.44 36.43
N LEU D 184 5.46 20.07 35.48
CA LEU D 184 6.18 20.96 34.59
C LEU D 184 5.97 22.34 35.19
N GLN D 185 7.04 22.87 35.82
CA GLN D 185 7.04 24.18 36.47
C GLN D 185 6.93 25.31 35.44
N SER D 186 6.61 26.52 35.91
CA SER D 186 6.51 27.72 35.06
C SER D 186 7.88 28.09 34.45
N SER D 187 8.99 27.61 35.06
CA SER D 187 10.36 27.81 34.61
C SER D 187 10.74 26.90 33.42
N GLY D 188 9.93 25.88 33.16
CA GLY D 188 10.17 24.95 32.06
C GLY D 188 10.91 23.71 32.45
N LEU D 189 11.22 23.58 33.77
CA LEU D 189 11.93 22.44 34.34
C LEU D 189 10.93 21.49 35.00
N TYR D 190 11.29 20.21 35.10
CA TYR D 190 10.43 19.18 35.68
C TYR D 190 10.88 18.80 37.07
N SER D 191 9.97 18.22 37.86
CA SER D 191 10.22 17.71 39.20
C SER D 191 9.23 16.60 39.51
N LEU D 192 9.72 15.52 40.11
CA LEU D 192 8.86 14.42 40.53
C LEU D 192 9.26 13.87 41.87
N SER D 193 8.40 12.99 42.43
CA SER D 193 8.66 12.29 43.69
C SER D 193 8.26 10.84 43.57
N SER D 194 9.05 9.96 44.18
CA SER D 194 8.80 8.53 44.27
C SER D 194 8.66 8.18 45.76
N VAL D 195 7.55 7.54 46.14
CA VAL D 195 7.25 7.16 47.52
C VAL D 195 7.10 5.66 47.62
N VAL D 196 7.71 5.06 48.63
CA VAL D 196 7.59 3.64 48.93
C VAL D 196 7.02 3.48 50.36
N THR D 197 5.92 2.68 50.49
CA THR D 197 5.29 2.43 51.78
C THR D 197 5.92 1.19 52.36
N VAL D 198 6.47 1.32 53.56
CA VAL D 198 7.22 0.25 54.25
C VAL D 198 6.69 -0.03 55.68
N PRO D 199 6.96 -1.23 56.29
CA PRO D 199 6.53 -1.40 57.71
C PRO D 199 7.32 -0.44 58.62
N SER D 200 6.64 0.25 59.56
CA SER D 200 7.31 1.20 60.44
C SER D 200 8.40 0.55 61.32
N SER D 201 8.26 -0.75 61.58
CA SER D 201 9.20 -1.55 62.37
C SER D 201 10.57 -1.65 61.69
N SER D 202 10.57 -1.73 60.35
CA SER D 202 11.78 -1.88 59.55
C SER D 202 12.61 -0.58 59.39
N LEU D 203 12.09 0.59 59.76
CA LEU D 203 12.73 1.89 59.56
C LEU D 203 14.21 1.98 59.99
N GLY D 204 14.58 1.44 61.14
CA GLY D 204 15.96 1.45 61.59
C GLY D 204 16.78 0.21 61.21
N THR D 205 16.11 -0.85 60.77
CA THR D 205 16.72 -2.14 60.42
C THR D 205 16.91 -2.38 58.90
N GLN D 206 16.02 -1.83 58.06
CA GLN D 206 16.09 -1.98 56.60
C GLN D 206 16.55 -0.70 55.92
N THR D 207 17.59 -0.82 55.11
CA THR D 207 18.15 0.28 54.32
C THR D 207 17.28 0.55 53.10
N TYR D 208 16.99 1.84 52.85
CA TYR D 208 16.19 2.29 51.71
C TYR D 208 16.97 3.28 50.89
N ILE D 209 17.31 2.90 49.65
CA ILE D 209 18.05 3.72 48.69
C ILE D 209 17.24 3.86 47.44
N CYS D 210 17.00 5.10 47.03
CA CYS D 210 16.32 5.32 45.76
C CYS D 210 17.42 5.55 44.72
N ASN D 211 17.31 4.88 43.58
CA ASN D 211 18.25 4.99 42.48
C ASN D 211 17.56 5.81 41.40
N VAL D 212 18.06 7.02 41.20
CA VAL D 212 17.54 7.99 40.25
C VAL D 212 18.45 8.02 39.03
N ASN D 213 17.84 7.97 37.84
CA ASN D 213 18.53 7.94 36.54
C ASN D 213 17.88 8.92 35.58
N HIS D 214 18.69 9.84 35.05
CA HIS D 214 18.32 10.83 34.06
C HIS D 214 19.31 10.74 32.93
N LYS D 215 18.99 9.93 31.91
CA LYS D 215 19.81 9.69 30.72
C LYS D 215 20.19 10.95 29.92
N PRO D 216 19.31 11.96 29.69
CA PRO D 216 19.76 13.14 28.91
C PRO D 216 20.99 13.87 29.48
N SER D 217 21.14 13.91 30.83
CA SER D 217 22.27 14.51 31.53
C SER D 217 23.32 13.46 31.98
N ASN D 218 23.06 12.17 31.68
CA ASN D 218 23.88 11.01 32.05
C ASN D 218 24.17 10.99 33.56
N THR D 219 23.07 11.20 34.35
CA THR D 219 23.03 11.29 35.81
C THR D 219 22.49 9.99 36.45
N LYS D 220 23.24 9.42 37.39
CA LYS D 220 22.87 8.25 38.19
C LYS D 220 23.14 8.58 39.67
N VAL D 221 22.07 8.84 40.43
CA VAL D 221 22.16 9.21 41.85
C VAL D 221 21.52 8.14 42.71
N ASP D 222 22.23 7.70 43.73
CA ASP D 222 21.74 6.74 44.72
C ASP D 222 21.66 7.46 46.06
N LYS D 223 20.46 7.69 46.58
CA LYS D 223 20.28 8.40 47.84
C LYS D 223 19.61 7.55 48.89
N LYS D 224 20.29 7.40 50.05
CA LYS D 224 19.77 6.68 51.18
C LYS D 224 18.78 7.55 51.90
N VAL D 225 17.55 7.05 52.07
CA VAL D 225 16.46 7.72 52.75
C VAL D 225 16.32 7.08 54.14
N GLU D 226 16.78 7.79 55.17
CA GLU D 226 16.76 7.34 56.58
C GLU D 226 15.84 8.24 57.44
N PRO D 227 15.41 7.79 58.66
CA PRO D 227 14.52 8.65 59.47
C PRO D 227 15.20 9.90 59.99
N LYS D 228 14.39 10.97 60.21
CA LYS D 228 14.84 12.28 60.68
C LYS D 228 15.50 12.26 62.07
N SER D 229 16.38 13.26 62.33
CA SER D 229 17.12 13.42 63.57
C SER D 229 16.91 14.80 64.17
N SER E 1 -6.73 9.84 1.67
CA SER E 1 -7.86 9.87 2.59
C SER E 1 -7.48 10.25 4.02
N GLU E 2 -8.45 10.13 4.93
CA GLU E 2 -8.32 10.36 6.38
C GLU E 2 -9.44 9.63 7.13
N LEU E 3 -9.18 9.31 8.41
CA LEU E 3 -10.14 8.58 9.21
C LEU E 3 -10.79 9.50 10.19
N THR E 4 -12.13 9.40 10.28
CA THR E 4 -12.89 10.23 11.21
C THR E 4 -13.59 9.39 12.28
N GLN E 5 -13.38 9.79 13.53
CA GLN E 5 -14.01 9.22 14.71
C GLN E 5 -14.32 10.33 15.67
N ASP E 6 -15.41 10.18 16.44
CA ASP E 6 -15.86 11.15 17.42
C ASP E 6 -14.82 11.36 18.52
N PRO E 7 -14.52 12.61 18.92
CA PRO E 7 -13.51 12.81 20.00
C PRO E 7 -13.85 12.08 21.30
N ALA E 8 -15.14 11.99 21.66
CA ALA E 8 -15.58 11.32 22.90
C ALA E 8 -16.85 10.50 22.74
N VAL E 9 -17.02 9.55 23.65
CA VAL E 9 -18.17 8.67 23.81
C VAL E 9 -18.19 8.20 25.25
N SER E 10 -19.38 8.06 25.82
CA SER E 10 -19.54 7.58 27.18
C SER E 10 -20.50 6.41 27.23
N VAL E 11 -20.23 5.46 28.12
CA VAL E 11 -21.02 4.27 28.36
C VAL E 11 -21.18 4.03 29.86
N ALA E 12 -22.36 3.53 30.27
CA ALA E 12 -22.64 3.20 31.65
C ALA E 12 -21.96 1.87 31.96
N LEU E 13 -21.43 1.72 33.18
CA LEU E 13 -20.73 0.52 33.62
C LEU E 13 -21.60 -0.75 33.44
N GLY E 14 -21.06 -1.73 32.72
CA GLY E 14 -21.76 -2.99 32.44
C GLY E 14 -22.54 -3.01 31.14
N GLN E 15 -22.67 -1.84 30.45
CA GLN E 15 -23.40 -1.71 29.18
C GLN E 15 -22.50 -1.88 27.97
N THR E 16 -23.08 -1.77 26.75
CA THR E 16 -22.41 -1.91 25.45
C THR E 16 -22.17 -0.54 24.79
N VAL E 17 -20.95 -0.32 24.28
CA VAL E 17 -20.57 0.89 23.53
C VAL E 17 -20.08 0.51 22.15
N ARG E 18 -20.49 1.27 21.13
CA ARG E 18 -20.04 1.02 19.76
C ARG E 18 -19.28 2.27 19.24
N ILE E 19 -17.96 2.14 19.02
CA ILE E 19 -17.11 3.24 18.51
C ILE E 19 -16.96 3.07 17.00
N THR E 20 -17.37 4.06 16.23
CA THR E 20 -17.28 4.01 14.76
C THR E 20 -16.13 4.82 14.21
N CYS E 21 -15.62 4.38 13.06
CA CYS E 21 -14.53 5.05 12.33
C CYS E 21 -14.93 5.10 10.88
N GLN E 22 -14.95 6.31 10.31
CA GLN E 22 -15.30 6.51 8.91
C GLN E 22 -14.07 6.81 8.10
N GLY E 23 -13.87 5.99 7.09
CA GLY E 23 -12.75 6.14 6.17
C GLY E 23 -13.16 5.61 4.82
N ASP E 24 -12.19 5.36 3.93
CA ASP E 24 -12.48 4.76 2.62
C ASP E 24 -12.62 3.23 2.82
N ASP E 25 -12.65 2.43 1.76
CA ASP E 25 -12.78 0.97 1.94
C ASP E 25 -11.44 0.36 2.34
N SER E 26 -11.32 0.00 3.63
CA SER E 26 -10.02 -0.45 4.14
C SER E 26 -10.05 -1.69 5.07
N TYR E 27 -8.85 -1.97 5.62
CA TYR E 27 -8.49 -3.01 6.56
C TYR E 27 -8.17 -2.26 7.85
N TYR E 28 -9.10 -2.23 8.79
CA TYR E 28 -9.06 -1.46 10.00
C TYR E 28 -8.55 -2.14 11.23
N GLY E 29 -7.83 -1.35 12.02
CA GLY E 29 -7.24 -1.73 13.30
C GLY E 29 -7.75 -0.82 14.39
N TRP E 30 -7.84 -1.33 15.62
CA TRP E 30 -8.31 -0.62 16.82
C TRP E 30 -7.28 -0.76 17.94
N TYR E 31 -6.77 0.38 18.37
CA TYR E 31 -5.68 0.48 19.35
C TYR E 31 -6.08 1.28 20.58
N GLN E 32 -6.07 0.60 21.73
CA GLN E 32 -6.41 1.18 23.04
C GLN E 32 -5.14 1.81 23.64
N GLN E 33 -5.24 3.06 24.03
CA GLN E 33 -4.12 3.74 24.68
C GLN E 33 -4.57 4.42 25.97
N LYS E 34 -3.96 4.02 27.10
CA LYS E 34 -4.22 4.63 28.40
C LYS E 34 -3.29 5.83 28.57
N PRO E 35 -3.71 6.86 29.37
CA PRO E 35 -2.98 8.14 29.38
C PRO E 35 -1.44 8.13 29.43
N GLY E 36 -0.84 7.39 30.35
CA GLY E 36 0.61 7.40 30.43
C GLY E 36 1.36 6.46 29.49
N GLN E 37 0.67 5.40 29.03
CA GLN E 37 1.28 4.31 28.29
C GLN E 37 1.22 4.33 26.74
N ALA E 38 1.86 3.30 26.17
CA ALA E 38 1.93 2.88 24.77
C ALA E 38 0.60 2.28 24.33
N PRO E 39 0.26 2.30 23.01
CA PRO E 39 -1.00 1.67 22.62
C PRO E 39 -0.94 0.14 22.65
N VAL E 40 -2.12 -0.48 22.67
CA VAL E 40 -2.30 -1.94 22.69
C VAL E 40 -3.32 -2.27 21.58
N THR E 41 -3.09 -3.34 20.80
CA THR E 41 -4.05 -3.74 19.75
C THR E 41 -5.21 -4.50 20.36
N VAL E 42 -6.45 -4.00 20.19
CA VAL E 42 -7.65 -4.70 20.66
C VAL E 42 -8.30 -5.49 19.49
N ILE E 43 -8.13 -5.00 18.27
CA ILE E 43 -8.61 -5.54 17.00
C ILE E 43 -7.61 -5.13 15.89
N TYR E 44 -7.38 -6.04 14.97
CA TYR E 44 -6.58 -5.81 13.77
C TYR E 44 -7.31 -6.49 12.67
N GLY E 45 -7.11 -6.07 11.46
CA GLY E 45 -7.75 -6.73 10.32
C GLY E 45 -9.23 -6.83 10.41
N ASN E 46 -9.91 -5.72 10.73
CA ASN E 46 -11.36 -5.53 10.84
C ASN E 46 -12.05 -6.25 12.06
N ASP E 47 -11.84 -7.56 12.24
CA ASP E 47 -12.54 -8.35 13.26
C ASP E 47 -11.69 -9.33 14.02
N ASN E 48 -10.36 -9.37 13.71
CA ASN E 48 -9.42 -10.26 14.38
C ASN E 48 -9.02 -9.66 15.70
N ARG E 49 -9.19 -10.39 16.79
CA ARG E 49 -8.87 -10.00 18.17
C ARG E 49 -7.59 -10.74 18.61
N PRO E 50 -6.51 -10.02 19.01
CA PRO E 50 -5.29 -10.73 19.42
C PRO E 50 -5.53 -11.59 20.66
N SER E 51 -4.78 -12.71 20.80
CA SER E 51 -4.86 -13.59 21.97
C SER E 51 -4.42 -12.79 23.22
N GLY E 52 -5.24 -12.90 24.26
CA GLY E 52 -5.01 -12.17 25.50
C GLY E 52 -5.98 -11.02 25.68
N ILE E 53 -6.60 -10.56 24.57
CA ILE E 53 -7.60 -9.49 24.61
C ILE E 53 -8.94 -10.15 25.00
N PRO E 54 -9.67 -9.63 26.03
CA PRO E 54 -10.97 -10.25 26.39
C PRO E 54 -11.98 -10.20 25.24
N ASP E 55 -12.80 -11.27 25.12
CA ASP E 55 -13.80 -11.39 24.06
C ASP E 55 -14.97 -10.38 24.15
N ARG E 56 -14.88 -9.40 25.07
CA ARG E 56 -15.87 -8.35 25.19
C ARG E 56 -15.57 -7.25 24.16
N PHE E 57 -14.42 -7.41 23.48
CA PHE E 57 -13.96 -6.52 22.41
C PHE E 57 -14.22 -7.20 21.09
N SER E 58 -15.01 -6.56 20.23
CA SER E 58 -15.29 -7.14 18.92
C SER E 58 -15.16 -6.07 17.85
N GLY E 59 -14.75 -6.47 16.66
CA GLY E 59 -14.61 -5.56 15.53
C GLY E 59 -15.46 -6.01 14.36
N SER E 60 -16.00 -5.04 13.65
CA SER E 60 -16.81 -5.25 12.47
C SER E 60 -16.57 -4.10 11.52
N SER E 61 -16.50 -4.39 10.24
CA SER E 61 -16.34 -3.35 9.24
C SER E 61 -17.15 -3.69 7.99
N SER E 62 -17.95 -2.71 7.54
CA SER E 62 -18.75 -2.83 6.33
C SER E 62 -18.58 -1.61 5.47
N GLY E 63 -17.77 -1.79 4.41
CA GLY E 63 -17.43 -0.75 3.45
C GLY E 63 -16.60 0.38 4.02
N ASN E 64 -17.19 1.59 4.03
CA ASN E 64 -16.59 2.84 4.50
C ASN E 64 -16.45 2.92 6.03
N THR E 65 -17.28 2.15 6.75
CA THR E 65 -17.31 2.18 8.22
C THR E 65 -16.63 0.96 8.87
N ALA E 66 -15.99 1.24 10.02
CA ALA E 66 -15.35 0.30 10.94
C ALA E 66 -16.03 0.54 12.26
N SER E 67 -16.21 -0.53 13.06
CA SER E 67 -16.83 -0.44 14.36
C SER E 67 -16.14 -1.30 15.38
N LEU E 68 -15.89 -0.72 16.55
CA LEU E 68 -15.32 -1.41 17.68
C LEU E 68 -16.41 -1.45 18.73
N THR E 69 -16.82 -2.66 19.10
CA THR E 69 -17.87 -2.87 20.08
C THR E 69 -17.26 -3.39 21.36
N ILE E 70 -17.64 -2.77 22.49
CA ILE E 70 -17.21 -3.19 23.81
C ILE E 70 -18.48 -3.50 24.58
N THR E 71 -18.78 -4.80 24.75
CA THR E 71 -19.94 -5.30 25.50
C THR E 71 -19.51 -5.39 26.96
N GLY E 72 -20.41 -5.12 27.89
CA GLY E 72 -20.11 -5.17 29.33
C GLY E 72 -18.92 -4.32 29.71
N ALA E 73 -19.02 -2.98 29.48
CA ALA E 73 -17.97 -2.01 29.74
C ALA E 73 -17.51 -2.07 31.20
N GLN E 74 -16.19 -2.21 31.39
CA GLN E 74 -15.52 -2.29 32.67
C GLN E 74 -14.70 -1.04 32.89
N ALA E 75 -14.38 -0.73 34.16
CA ALA E 75 -13.58 0.43 34.58
C ALA E 75 -12.24 0.56 33.83
N GLU E 76 -11.57 -0.58 33.53
CA GLU E 76 -10.30 -0.65 32.81
C GLU E 76 -10.41 -0.41 31.27
N ASP E 77 -11.63 -0.27 30.73
CA ASP E 77 -11.83 -0.01 29.30
C ASP E 77 -11.83 1.49 29.04
N GLU E 78 -11.78 2.30 30.13
CA GLU E 78 -11.74 3.76 30.07
C GLU E 78 -10.35 4.11 29.52
N ALA E 79 -10.28 4.54 28.24
CA ALA E 79 -9.06 4.83 27.49
C ALA E 79 -9.36 5.50 26.15
N ASP E 80 -8.29 5.80 25.39
CA ASP E 80 -8.38 6.38 24.05
C ASP E 80 -8.31 5.28 23.03
N TYR E 81 -9.29 5.22 22.15
CA TYR E 81 -9.33 4.21 21.09
C TYR E 81 -9.07 4.85 19.73
N TYR E 82 -7.99 4.42 19.07
CA TYR E 82 -7.62 4.92 17.74
C TYR E 82 -7.91 3.90 16.66
N CYS E 83 -8.42 4.33 15.54
CA CYS E 83 -8.58 3.44 14.39
C CYS E 83 -7.41 3.68 13.44
N GLY E 84 -6.91 2.61 12.88
CA GLY E 84 -5.82 2.66 11.90
C GLY E 84 -6.24 1.98 10.62
N ALA E 85 -5.64 2.41 9.50
CA ALA E 85 -5.94 1.86 8.15
C ALA E 85 -4.92 2.30 7.15
N TYR E 86 -5.12 1.99 5.90
CA TYR E 86 -4.23 2.36 4.80
C TYR E 86 -4.82 3.47 3.89
N ASP E 87 -3.95 4.44 3.52
CA ASP E 87 -4.21 5.52 2.60
C ASP E 87 -3.49 5.16 1.28
N SER E 88 -4.26 4.66 0.31
CA SER E 88 -3.73 4.21 -0.99
C SER E 88 -3.28 5.37 -1.89
N SER E 89 -3.96 6.54 -1.80
CA SER E 89 -3.63 7.74 -2.59
C SER E 89 -2.19 8.13 -2.28
N GLY E 90 -1.90 8.36 -0.98
CA GLY E 90 -0.58 8.79 -0.51
C GLY E 90 0.46 7.69 -0.36
N GLY E 91 -0.02 6.46 -0.11
CA GLY E 91 0.83 5.29 0.07
C GLY E 91 1.32 5.05 1.49
N GLY E 92 0.71 5.73 2.46
CA GLY E 92 1.09 5.60 3.87
C GLY E 92 -0.03 5.20 4.80
N GLY E 93 0.29 5.17 6.07
CA GLY E 93 -0.62 4.78 7.13
C GLY E 93 -1.41 5.94 7.67
N ILE E 94 -2.68 5.66 8.00
CA ILE E 94 -3.58 6.70 8.53
C ILE E 94 -4.24 6.28 9.83
N PHE E 95 -4.43 7.27 10.72
CA PHE E 95 -5.03 7.09 12.03
C PHE E 95 -6.15 8.11 12.26
N GLY E 96 -7.18 7.68 12.97
CA GLY E 96 -8.27 8.56 13.36
C GLY E 96 -7.78 9.42 14.51
N GLY E 97 -8.43 10.56 14.74
CA GLY E 97 -8.08 11.48 15.83
C GLY E 97 -8.22 10.92 17.23
N GLY E 98 -8.81 9.73 17.33
CA GLY E 98 -9.04 9.04 18.58
C GLY E 98 -10.42 9.30 19.16
N THR E 99 -10.90 8.35 19.95
CA THR E 99 -12.17 8.46 20.66
C THR E 99 -11.85 8.17 22.10
N LYS E 100 -12.15 9.11 22.98
CA LYS E 100 -11.96 8.95 24.42
C LYS E 100 -13.19 8.29 25.00
N LEU E 101 -13.02 7.09 25.58
CA LEU E 101 -14.14 6.39 26.18
C LEU E 101 -14.21 6.64 27.69
N THR E 102 -15.37 7.11 28.15
CA THR E 102 -15.66 7.38 29.56
C THR E 102 -16.67 6.35 30.07
N VAL E 103 -16.35 5.68 31.19
CA VAL E 103 -17.21 4.67 31.83
C VAL E 103 -17.80 5.33 33.09
N LEU E 104 -19.11 5.57 33.09
CA LEU E 104 -19.85 6.40 34.04
C LEU E 104 -20.20 5.89 35.48
N GLY E 105 -20.55 4.60 35.65
CA GLY E 105 -21.00 4.11 36.95
C GLY E 105 -19.98 3.78 38.02
N GLN E 106 -18.70 4.14 37.83
CA GLN E 106 -17.58 3.86 38.76
C GLN E 106 -17.72 4.44 40.19
N PRO E 107 -17.37 3.65 41.23
CA PRO E 107 -17.49 4.18 42.60
C PRO E 107 -16.50 5.29 42.94
N LYS E 108 -17.01 6.30 43.66
CA LYS E 108 -16.30 7.48 44.13
C LYS E 108 -15.23 7.06 45.12
N ALA E 109 -13.99 7.52 44.91
CA ALA E 109 -12.84 7.19 45.77
C ALA E 109 -12.27 8.42 46.45
N ALA E 110 -12.06 8.33 47.78
CA ALA E 110 -11.52 9.42 48.59
C ALA E 110 -9.98 9.48 48.49
N PRO E 111 -9.40 10.69 48.28
CA PRO E 111 -7.93 10.79 48.12
C PRO E 111 -7.09 10.55 49.37
N SER E 112 -5.97 9.84 49.20
CA SER E 112 -4.99 9.60 50.26
C SER E 112 -3.92 10.67 50.08
N VAL E 113 -3.85 11.61 51.02
CA VAL E 113 -2.94 12.74 50.99
C VAL E 113 -1.74 12.52 51.92
N THR E 114 -0.52 12.65 51.38
CA THR E 114 0.73 12.52 52.14
C THR E 114 1.57 13.79 51.94
N LEU E 115 1.84 14.51 53.03
CA LEU E 115 2.59 15.76 53.01
C LEU E 115 3.96 15.58 53.60
N PHE E 116 4.98 16.08 52.89
CA PHE E 116 6.38 15.99 53.29
C PHE E 116 6.97 17.38 53.52
N PRO E 117 7.72 17.55 54.64
CA PRO E 117 8.36 18.87 54.89
C PRO E 117 9.69 18.97 54.12
N PRO E 118 10.31 20.19 53.97
CA PRO E 118 11.61 20.24 53.29
C PRO E 118 12.67 19.43 54.01
N SER E 119 13.54 18.73 53.24
CA SER E 119 14.62 17.93 53.81
C SER E 119 15.71 18.84 54.38
N SER E 120 16.58 18.29 55.26
CA SER E 120 17.71 19.01 55.85
C SER E 120 18.70 19.43 54.77
N GLU E 121 18.95 18.53 53.79
CA GLU E 121 19.85 18.72 52.65
C GLU E 121 19.41 19.88 51.76
N GLU E 122 18.09 20.02 51.55
CA GLU E 122 17.51 21.09 50.74
C GLU E 122 17.69 22.45 51.44
N LEU E 123 17.45 22.49 52.75
CA LEU E 123 17.57 23.69 53.58
C LEU E 123 19.01 24.18 53.64
N GLN E 124 20.00 23.26 53.63
CA GLN E 124 21.43 23.57 53.58
C GLN E 124 21.79 24.18 52.23
N ALA E 125 21.10 23.74 51.16
CA ALA E 125 21.26 24.23 49.79
C ALA E 125 20.46 25.53 49.56
N ASN E 126 19.99 26.13 50.67
CA ASN E 126 19.21 27.37 50.77
C ASN E 126 17.89 27.32 49.95
N LYS E 127 17.20 26.15 50.00
CA LYS E 127 15.93 25.93 49.33
C LYS E 127 14.97 25.20 50.23
N ALA E 128 13.66 25.32 49.94
CA ALA E 128 12.60 24.65 50.70
C ALA E 128 11.43 24.31 49.81
N THR E 129 11.09 23.01 49.75
CA THR E 129 9.95 22.53 48.97
C THR E 129 9.10 21.60 49.82
N LEU E 130 7.78 21.85 49.84
CA LEU E 130 6.81 21.03 50.55
C LEU E 130 6.17 20.13 49.51
N VAL E 131 6.14 18.83 49.76
CA VAL E 131 5.60 17.85 48.81
C VAL E 131 4.27 17.28 49.28
N CYS E 132 3.19 17.63 48.60
CA CYS E 132 1.85 17.10 48.89
C CYS E 132 1.46 16.13 47.79
N LEU E 133 1.47 14.87 48.11
CA LEU E 133 1.16 13.78 47.19
C LEU E 133 -0.22 13.20 47.42
N ILE E 134 -1.09 13.38 46.45
CA ILE E 134 -2.49 12.97 46.47
C ILE E 134 -2.67 11.76 45.56
N SER E 135 -3.25 10.68 46.08
CA SER E 135 -3.46 9.47 45.30
C SER E 135 -4.82 8.79 45.56
N ASP E 136 -5.13 7.73 44.77
CA ASP E 136 -6.30 6.86 44.85
C ASP E 136 -7.65 7.59 44.92
N PHE E 137 -7.93 8.47 43.96
CA PHE E 137 -9.20 9.19 43.95
C PHE E 137 -9.96 9.08 42.63
N TYR E 138 -11.30 9.10 42.71
CA TYR E 138 -12.21 9.09 41.56
C TYR E 138 -13.48 9.90 41.87
N PRO E 139 -13.89 10.87 41.02
CA PRO E 139 -13.28 11.29 39.74
C PRO E 139 -11.95 12.02 39.89
N GLY E 140 -11.25 12.18 38.76
CA GLY E 140 -9.94 12.82 38.68
C GLY E 140 -9.96 14.33 38.64
N ALA E 141 -10.42 14.94 39.75
CA ALA E 141 -10.50 16.38 39.91
C ALA E 141 -10.35 16.75 41.37
N VAL E 142 -9.27 17.50 41.66
CA VAL E 142 -8.94 18.00 42.99
C VAL E 142 -8.51 19.45 42.91
N THR E 143 -8.88 20.24 43.93
CA THR E 143 -8.47 21.63 44.05
C THR E 143 -7.59 21.71 45.29
N VAL E 144 -6.31 22.08 45.09
CA VAL E 144 -5.33 22.16 46.18
C VAL E 144 -5.14 23.60 46.66
N ALA E 145 -5.20 23.79 47.99
CA ALA E 145 -5.02 25.07 48.65
C ALA E 145 -3.93 24.96 49.70
N TRP E 146 -2.95 25.86 49.65
CA TRP E 146 -1.86 25.84 50.61
C TRP E 146 -2.11 26.88 51.69
N LYS E 147 -1.79 26.52 52.95
CA LYS E 147 -1.97 27.40 54.11
C LYS E 147 -0.68 27.62 54.88
N ALA E 148 -0.41 28.89 55.21
CA ALA E 148 0.73 29.36 55.98
C ALA E 148 0.17 29.80 57.33
N ASP E 149 0.23 28.92 58.36
CA ASP E 149 -0.32 29.17 59.71
C ASP E 149 -1.82 29.51 59.65
N SER E 150 -2.55 28.90 58.71
CA SER E 150 -3.97 29.11 58.40
C SER E 150 -4.23 30.41 57.59
N SER E 151 -3.21 30.89 56.85
CA SER E 151 -3.32 32.02 55.93
C SER E 151 -3.11 31.51 54.49
N PRO E 152 -3.97 31.88 53.51
CA PRO E 152 -3.79 31.31 52.15
C PRO E 152 -2.50 31.70 51.44
N VAL E 153 -1.87 30.75 50.75
CA VAL E 153 -0.62 30.98 50.04
C VAL E 153 -0.93 31.34 48.58
N LYS E 154 -0.34 32.45 48.12
CA LYS E 154 -0.55 33.04 46.79
C LYS E 154 0.49 32.62 45.74
N ALA E 155 1.78 32.58 46.11
CA ALA E 155 2.87 32.27 45.18
C ALA E 155 3.67 31.03 45.53
N GLY E 156 4.44 30.55 44.55
CA GLY E 156 5.31 29.39 44.69
C GLY E 156 4.60 28.06 44.78
N VAL E 157 3.43 27.95 44.13
CA VAL E 157 2.60 26.73 44.11
C VAL E 157 2.56 26.13 42.68
N GLU E 158 2.99 24.85 42.54
CA GLU E 158 3.00 24.09 41.27
C GLU E 158 2.23 22.79 41.46
N THR E 159 1.12 22.61 40.73
CA THR E 159 0.26 21.43 40.84
C THR E 159 0.15 20.64 39.52
N THR E 160 0.43 19.31 39.57
CA THR E 160 0.30 18.41 38.42
C THR E 160 -1.18 18.15 38.21
N THR E 161 -1.61 18.05 36.94
CA THR E 161 -3.00 17.73 36.56
C THR E 161 -3.23 16.24 36.94
N PRO E 162 -4.43 15.85 37.43
CA PRO E 162 -4.64 14.45 37.84
C PRO E 162 -4.54 13.48 36.67
N SER E 163 -3.66 12.49 36.82
CA SER E 163 -3.41 11.44 35.84
C SER E 163 -3.79 10.08 36.40
N LYS E 164 -4.20 9.15 35.53
CA LYS E 164 -4.63 7.81 35.92
C LYS E 164 -3.51 6.85 36.33
N GLN E 165 -3.78 6.07 37.40
CA GLN E 165 -2.93 5.04 37.98
C GLN E 165 -3.29 3.67 37.34
N SER E 166 -2.49 2.62 37.62
CA SER E 166 -2.74 1.27 37.11
C SER E 166 -4.02 0.65 37.73
N ASN E 167 -4.40 1.12 38.94
CA ASN E 167 -5.59 0.67 39.69
C ASN E 167 -6.86 1.44 39.32
N ASN E 168 -6.81 2.19 38.19
CA ASN E 168 -7.88 3.00 37.58
C ASN E 168 -8.28 4.25 38.40
N LYS E 169 -7.58 4.51 39.51
CA LYS E 169 -7.82 5.72 40.32
C LYS E 169 -6.83 6.81 39.86
N TYR E 170 -6.94 8.04 40.40
CA TYR E 170 -6.06 9.14 39.97
C TYR E 170 -5.00 9.54 40.99
N ALA E 171 -3.89 10.10 40.48
CA ALA E 171 -2.76 10.63 41.26
C ALA E 171 -2.52 12.09 40.85
N ALA E 172 -2.08 12.93 41.81
CA ALA E 172 -1.76 14.35 41.61
C ALA E 172 -0.75 14.83 42.64
N SER E 173 0.10 15.78 42.29
CA SER E 173 1.12 16.33 43.18
C SER E 173 0.99 17.83 43.25
N SER E 174 1.36 18.42 44.41
CA SER E 174 1.37 19.86 44.64
C SER E 174 2.62 20.23 45.40
N TYR E 175 3.41 21.15 44.83
CA TYR E 175 4.70 21.60 45.37
C TYR E 175 4.69 23.07 45.79
N LEU E 176 5.05 23.31 47.07
CA LEU E 176 5.15 24.66 47.60
C LEU E 176 6.60 25.03 47.83
N SER E 177 7.12 25.93 47.00
CA SER E 177 8.51 26.40 47.09
C SER E 177 8.58 27.62 47.98
N LEU E 178 9.44 27.53 49.01
CA LEU E 178 9.67 28.58 50.00
C LEU E 178 11.16 28.87 50.18
N THR E 179 11.46 29.95 50.92
CA THR E 179 12.81 30.32 51.32
C THR E 179 12.98 29.60 52.66
N PRO E 180 14.17 29.06 53.05
CA PRO E 180 14.28 28.39 54.37
C PRO E 180 13.76 29.25 55.54
N GLU E 181 13.81 30.58 55.38
CA GLU E 181 13.35 31.59 56.33
C GLU E 181 11.83 31.53 56.47
N GLN E 182 11.08 31.52 55.33
CA GLN E 182 9.61 31.43 55.26
C GLN E 182 9.08 30.15 55.92
N TRP E 183 9.85 29.05 55.82
CA TRP E 183 9.54 27.76 56.41
C TRP E 183 9.61 27.89 57.94
N LYS E 184 10.72 28.44 58.46
CA LYS E 184 10.96 28.60 59.90
C LYS E 184 10.06 29.65 60.59
N SER E 185 9.83 30.79 59.92
CA SER E 185 9.03 31.91 60.43
C SER E 185 7.57 31.58 60.79
N HIS E 186 7.01 30.46 60.27
CA HIS E 186 5.64 30.00 60.54
C HIS E 186 5.62 28.79 61.46
N ARG E 187 4.53 28.62 62.24
CA ARG E 187 4.36 27.50 63.20
C ARG E 187 4.12 26.19 62.45
N SER E 188 3.30 26.25 61.37
CA SER E 188 2.94 25.09 60.54
C SER E 188 2.47 25.49 59.12
N TYR E 189 2.47 24.49 58.20
CA TYR E 189 2.02 24.63 56.82
C TYR E 189 1.03 23.53 56.48
N SER E 190 -0.13 23.90 55.89
CA SER E 190 -1.19 22.94 55.56
C SER E 190 -1.48 22.76 54.07
N CYS E 191 -1.76 21.51 53.67
CA CYS E 191 -2.15 21.16 52.30
C CYS E 191 -3.62 20.74 52.33
N GLN E 192 -4.51 21.61 51.82
CA GLN E 192 -5.96 21.40 51.77
C GLN E 192 -6.39 20.88 50.38
N VAL E 193 -6.73 19.58 50.33
CA VAL E 193 -7.13 18.91 49.09
C VAL E 193 -8.65 18.67 49.07
N THR E 194 -9.35 19.40 48.20
CA THR E 194 -10.79 19.27 48.05
C THR E 194 -11.14 18.33 46.90
N HIS E 195 -11.93 17.28 47.20
CA HIS E 195 -12.39 16.28 46.25
C HIS E 195 -13.89 16.03 46.46
N GLU E 196 -14.72 16.52 45.51
CA GLU E 196 -16.18 16.40 45.49
C GLU E 196 -16.85 16.92 46.77
N GLY E 197 -16.50 18.15 47.14
CA GLY E 197 -17.02 18.86 48.32
C GLY E 197 -16.37 18.53 49.66
N SER E 198 -15.60 17.41 49.74
CA SER E 198 -14.93 16.96 50.96
C SER E 198 -13.44 17.31 50.94
N THR E 199 -12.95 17.98 52.01
CA THR E 199 -11.56 18.45 52.14
C THR E 199 -10.71 17.59 53.09
N VAL E 200 -9.58 17.09 52.57
CA VAL E 200 -8.61 16.28 53.30
C VAL E 200 -7.41 17.22 53.56
N GLU E 201 -7.03 17.38 54.83
CA GLU E 201 -5.93 18.26 55.21
C GLU E 201 -4.78 17.53 55.86
N LYS E 202 -3.56 18.00 55.56
CA LYS E 202 -2.33 17.49 56.14
C LYS E 202 -1.47 18.67 56.55
N THR E 203 -0.77 18.55 57.69
CA THR E 203 0.04 19.63 58.24
C THR E 203 1.48 19.22 58.57
N VAL E 204 2.44 20.12 58.25
CA VAL E 204 3.87 19.95 58.55
C VAL E 204 4.40 21.18 59.32
N ALA E 205 5.22 20.92 60.34
CA ALA E 205 5.80 21.93 61.21
C ALA E 205 7.35 21.84 61.26
N PRO E 206 8.08 22.97 61.35
CA PRO E 206 9.55 22.89 61.41
C PRO E 206 10.07 22.20 62.68
N THR E 207 11.09 21.34 62.52
CA THR E 207 11.72 20.58 63.62
C THR E 207 13.25 20.59 63.48
N LYS F 1 -7.38 -14.70 0.62
CA LYS F 1 -6.08 -14.54 1.29
C LYS F 1 -5.64 -13.07 1.27
N LYS F 2 -5.26 -12.54 2.44
CA LYS F 2 -4.74 -11.19 2.58
C LYS F 2 -3.37 -11.11 1.82
N VAL F 3 -3.23 -10.12 0.93
CA VAL F 3 -2.00 -9.90 0.15
C VAL F 3 -1.48 -8.48 0.44
N ALA F 4 -0.16 -8.37 0.68
CA ALA F 4 0.49 -7.10 0.98
C ALA F 4 0.28 -6.09 -0.13
N VAL F 5 -0.02 -4.83 0.23
CA VAL F 5 -0.22 -3.74 -0.76
C VAL F 5 1.09 -3.27 -1.45
N VAL F 6 2.26 -3.60 -0.83
CA VAL F 6 3.59 -3.27 -1.32
C VAL F 6 4.55 -4.38 -0.87
N ARG F 7 5.48 -4.74 -1.75
CA ARG F 7 6.56 -5.71 -1.51
C ARG F 7 7.72 -5.26 -2.39
N TPO F 8 8.85 -5.95 -2.33
CA TPO F 8 9.98 -5.68 -3.21
CB TPO F 8 11.32 -6.37 -2.77
CG2 TPO F 8 12.52 -5.93 -3.60
OG1 TPO F 8 11.58 -5.94 -1.44
P TPO F 8 11.50 -7.01 -0.39
O1P TPO F 8 11.89 -6.34 0.93
O2P TPO F 8 10.14 -7.64 -0.17
O3P TPO F 8 12.60 -8.02 -0.60
C TPO F 8 9.55 -6.21 -4.60
O TPO F 8 9.11 -7.35 -4.69
N PRO F 9 9.65 -5.38 -5.69
CA PRO F 9 9.27 -5.86 -7.03
C PRO F 9 10.06 -7.11 -7.46
N PRO F 10 9.42 -8.07 -8.15
CA PRO F 10 10.16 -9.29 -8.56
C PRO F 10 11.13 -9.10 -9.74
#